data_9DHK
#
_entry.id   9DHK
#
_cell.length_a   189.150
_cell.length_b   50.622
_cell.length_c   181.221
_cell.angle_alpha   90.000
_cell.angle_beta   118.047
_cell.angle_gamma   90.000
#
_symmetry.space_group_name_H-M   'C 1 2 1'
#
loop_
_entity.id
_entity.type
_entity.pdbx_description
1 polymer 'RecQ-mediated genome instability protein 1'
2 polymer 'RecQ-mediated genome instability protein 2'
3 polymer 'RecQ-mediated genome instability protein 2'
4 polymer 'RecQ-mediated genome instability protein 1'
5 polymer 'RecQ-mediated genome instability protein 2'
6 polymer 'L3 peptide'
7 water water
#
loop_
_entity_poly.entity_id
_entity_poly.type
_entity_poly.pdbx_seq_one_letter_code
_entity_poly.pdbx_strand_id
1 'polypeptide(L)'
;MENSINLSIAMDLYSPPFVYLSVLMASKPKEVTTVKVKAFIVTLTGNLSSSGGIWSITAKVSDGTAYLDVDFVDEILTSL
IGFSVPEMKQSKKDPLQYQKFLEGLQKCQRDLIDLCCLMTISFNPSLSKAMVLALQDVNMEHLENLKKRLNK
;
A,D,J
2 'polypeptide(L)'
;MAAAADSFSGGPAGVRLPRSPPLKVLAEQLRRDAEGGPGAWRLSRAAAGRGPLDLAAVWMQGRVVMADRGEARLRDPSGD
FSVRGLERVPRGRPCLVPGKYVMVMGVVQACSPEPCLQAVKMTDLSDNPIHESMWELEVEDLHRNIP
;
B,K
3 'polypeptide(L)'
;(UNK)GVRLPRSPPLKVLAEQLRRDAEGGPGAWRLSRAAAGRGPLDLAAVWMQGRVVMADRGEARLRDPSGDFSVRGLER
VPRGRPCLVPGKYVMVMGVVQACSPEPCLQAVKMTDLSDNPIHESMWELEVEDLHRNIP
;
E
4 'polypeptide(L)'
;(UNK)IAMDLYSPPFVYLSVLMASKPKEVTTVKVKAFIVTLTGNLSSSGGIWSITAKVSDGTAYLDVDFVDEILTSLIGF
SVPEMKQSKKDPLQYQKFLEGLQKCQRDLIDLCCLMTISFNPSLSKAMVLALQDVNMEHLENLKKRLNK
;
G
5 'polypeptide(L)'
;(UNK)(UNK)(UNK)(UNK)(UNK)(UNK)VRLPRSPPLKVLAEQLRRDAEGGPGAWRLSRAAAGRGPLDLAAVWMQGRV
VMADRGEARLRDPSGDFSVRGLERVPRGRPCLVPGKYVMVMGVVQACSPEPCLQAVKMTDLSDNPIHESMWELEVEDLHR
NIP
;
H
6 'polypeptide(L)' (ACE)YRLWFFQTYKLPC(NH2) C,F,I,L
#
loop_
_chem_comp.id
_chem_comp.type
_chem_comp.name
_chem_comp.formula
ACE non-polymer 'ACETYL GROUP' 'C2 H4 O'
NH2 non-polymer 'AMINO GROUP' 'H2 N'
#
# COMPACT_ATOMS: atom_id res chain seq x y z
N MET A 11 -15.67 11.89 -18.79
CA MET A 11 -16.34 13.21 -18.99
C MET A 11 -16.58 13.60 -20.47
N ASP A 12 -17.90 13.75 -20.71
CA ASP A 12 -18.63 14.27 -21.85
C ASP A 12 -18.25 15.72 -22.16
N LEU A 13 -18.19 16.07 -23.44
CA LEU A 13 -17.93 17.43 -23.88
C LEU A 13 -19.22 18.26 -23.89
N TYR A 14 -20.37 17.66 -23.55
CA TYR A 14 -21.64 18.40 -23.43
C TYR A 14 -22.07 18.56 -21.96
N SER A 15 -21.24 18.15 -21.00
CA SER A 15 -21.65 18.12 -19.59
C SER A 15 -21.70 19.55 -19.07
N PRO A 16 -22.90 20.01 -18.65
CA PRO A 16 -23.04 21.36 -18.10
C PRO A 16 -22.47 21.41 -16.68
N PRO A 17 -22.04 22.59 -16.21
CA PRO A 17 -22.23 23.83 -16.95
C PRO A 17 -21.15 24.20 -17.95
N PHE A 18 -20.04 23.46 -17.90
CA PHE A 18 -18.86 23.73 -18.71
C PHE A 18 -17.97 22.51 -18.63
N VAL A 19 -17.06 22.42 -19.61
CA VAL A 19 -16.11 21.33 -19.67
C VAL A 19 -14.72 21.93 -19.59
N TYR A 20 -13.70 21.09 -19.73
CA TYR A 20 -12.32 21.55 -19.61
C TYR A 20 -11.54 21.32 -20.92
N LEU A 21 -10.59 22.23 -21.16
CA LEU A 21 -9.76 22.16 -22.34
C LEU A 21 -8.90 20.92 -22.32
N SER A 22 -8.37 20.57 -21.15
CA SER A 22 -7.52 19.40 -21.10
C SER A 22 -8.33 18.18 -21.48
N VAL A 23 -9.62 18.17 -21.10
CA VAL A 23 -10.43 17.03 -21.44
C VAL A 23 -10.73 17.01 -22.93
N LEU A 24 -10.95 18.19 -23.50
CA LEU A 24 -11.18 18.29 -24.93
C LEU A 24 -10.00 17.68 -25.69
N MET A 25 -8.78 18.07 -25.31
CA MET A 25 -7.60 17.73 -26.08
C MET A 25 -7.32 16.23 -25.97
N ALA A 26 -7.51 15.68 -24.78
CA ALA A 26 -7.31 14.26 -24.55
C ALA A 26 -8.30 13.41 -25.38
N SER A 27 -9.47 13.95 -25.73
CA SER A 27 -10.46 13.23 -26.54
C SER A 27 -10.00 13.09 -27.98
N LYS A 28 -8.97 13.88 -28.35
CA LYS A 28 -8.28 13.87 -29.64
C LYS A 28 -9.28 13.99 -30.76
N PRO A 29 -9.98 15.13 -30.83
CA PRO A 29 -11.05 15.34 -31.79
C PRO A 29 -10.45 15.51 -33.19
N LYS A 30 -11.11 14.86 -34.15
CA LYS A 30 -10.71 14.92 -35.54
C LYS A 30 -11.28 16.16 -36.25
N GLU A 31 -12.41 16.70 -35.79
CA GLU A 31 -13.11 17.77 -36.51
C GLU A 31 -13.22 18.99 -35.60
N VAL A 32 -13.59 20.13 -36.18
CA VAL A 32 -13.85 21.31 -35.39
C VAL A 32 -14.99 21.03 -34.42
N THR A 33 -14.78 21.47 -33.18
CA THR A 33 -15.59 21.08 -32.03
C THR A 33 -15.99 22.32 -31.22
N THR A 34 -17.30 22.48 -30.93
CA THR A 34 -17.78 23.50 -30.05
C THR A 34 -17.76 22.95 -28.63
N VAL A 35 -17.18 23.67 -27.68
CA VAL A 35 -17.38 23.37 -26.27
C VAL A 35 -17.54 24.69 -25.53
N LYS A 36 -18.03 24.60 -24.30
CA LYS A 36 -18.17 25.78 -23.46
C LYS A 36 -17.23 25.56 -22.27
N VAL A 37 -16.40 26.58 -21.98
CA VAL A 37 -15.46 26.45 -20.89
C VAL A 37 -15.54 27.72 -20.04
N LYS A 38 -15.09 27.61 -18.77
CA LYS A 38 -15.00 28.82 -17.97
C LYS A 38 -13.54 29.22 -17.98
N ALA A 39 -13.30 30.44 -18.46
CA ALA A 39 -11.95 30.88 -18.73
C ALA A 39 -11.74 32.38 -18.56
N PHE A 40 -10.48 32.75 -18.35
CA PHE A 40 -10.01 34.12 -18.41
C PHE A 40 -8.88 34.30 -19.45
N ILE A 41 -8.59 35.53 -19.83
CA ILE A 41 -7.50 35.87 -20.69
C ILE A 41 -6.22 36.04 -19.86
N VAL A 42 -5.23 35.17 -20.14
CA VAL A 42 -3.93 35.28 -19.52
C VAL A 42 -3.13 36.43 -20.14
N THR A 43 -3.09 36.47 -21.48
CA THR A 43 -2.50 37.59 -22.21
C THR A 43 -3.21 37.73 -23.55
N LEU A 44 -3.30 38.96 -24.07
CA LEU A 44 -3.55 39.21 -25.47
C LEU A 44 -2.25 38.87 -26.24
N THR A 45 -2.39 38.57 -27.55
CA THR A 45 -1.25 38.18 -28.40
C THR A 45 -1.20 38.99 -29.71
N GLY A 46 -1.96 40.07 -29.78
CA GLY A 46 -1.93 41.02 -30.87
C GLY A 46 -2.77 42.23 -30.48
N ASN A 47 -2.71 43.25 -31.31
CA ASN A 47 -3.56 44.40 -31.11
C ASN A 47 -4.96 44.16 -31.65
N LEU A 48 -5.86 45.00 -31.19
CA LEU A 48 -7.16 45.06 -31.81
C LEU A 48 -6.94 45.44 -33.26
N SER A 49 -7.57 44.67 -34.14
CA SER A 49 -7.47 44.89 -35.58
C SER A 49 -8.87 45.14 -36.18
N SER A 50 -8.96 46.09 -37.13
CA SER A 50 -10.13 46.30 -37.95
C SER A 50 -9.85 45.92 -39.39
N SER A 51 -8.76 45.21 -39.60
CA SER A 51 -8.49 44.86 -40.98
C SER A 51 -9.57 43.85 -41.43
N GLY A 52 -9.94 43.97 -42.72
CA GLY A 52 -10.95 43.13 -43.32
C GLY A 52 -12.32 43.76 -43.18
N GLY A 53 -12.40 44.90 -42.48
CA GLY A 53 -13.70 45.51 -42.24
C GLY A 53 -14.34 44.99 -40.96
N ILE A 54 -13.67 44.11 -40.20
CA ILE A 54 -14.21 43.60 -38.94
C ILE A 54 -13.16 43.66 -37.82
N TRP A 55 -13.64 43.50 -36.58
CA TRP A 55 -12.79 43.56 -35.42
C TRP A 55 -12.26 42.17 -35.25
N SER A 56 -10.97 42.08 -34.87
CA SER A 56 -10.46 40.83 -34.34
C SER A 56 -9.34 41.11 -33.36
N ILE A 57 -9.05 40.10 -32.50
CA ILE A 57 -7.94 40.20 -31.58
C ILE A 57 -7.60 38.80 -31.09
N THR A 58 -6.31 38.49 -30.97
CA THR A 58 -5.90 37.14 -30.59
C THR A 58 -5.49 37.14 -29.14
N ALA A 59 -5.62 35.98 -28.49
CA ALA A 59 -5.32 35.87 -27.07
C ALA A 59 -4.96 34.46 -26.68
N LYS A 60 -4.40 34.31 -25.49
CA LYS A 60 -4.23 33.01 -24.85
C LYS A 60 -5.13 33.02 -23.62
N VAL A 61 -6.05 32.03 -23.58
CA VAL A 61 -6.95 31.89 -22.44
C VAL A 61 -6.53 30.65 -21.69
N SER A 62 -6.92 30.60 -20.41
CA SER A 62 -6.84 29.37 -19.64
C SER A 62 -8.16 29.14 -18.88
N ASP A 63 -8.51 27.86 -18.73
CA ASP A 63 -9.65 27.41 -17.96
C ASP A 63 -9.17 26.71 -16.69
N GLY A 64 -7.87 26.85 -16.40
CA GLY A 64 -7.28 26.19 -15.25
C GLY A 64 -6.70 24.82 -15.55
N THR A 65 -6.88 24.33 -16.79
CA THR A 65 -6.43 22.99 -17.16
C THR A 65 -5.48 23.02 -18.35
N ALA A 66 -5.50 24.09 -19.14
CA ALA A 66 -4.64 24.25 -20.32
C ALA A 66 -4.59 25.69 -20.78
N TYR A 67 -3.61 26.04 -21.63
CA TYR A 67 -3.62 27.34 -22.33
C TYR A 67 -4.11 27.11 -23.77
N LEU A 68 -4.81 28.09 -24.36
CA LEU A 68 -5.41 27.97 -25.68
C LEU A 68 -5.31 29.30 -26.42
N ASP A 69 -4.73 29.27 -27.63
CA ASP A 69 -4.76 30.45 -28.48
C ASP A 69 -6.17 30.62 -29.05
N VAL A 70 -6.69 31.85 -29.04
CA VAL A 70 -8.05 32.05 -29.51
C VAL A 70 -8.06 33.33 -30.31
N ASP A 71 -9.06 33.46 -31.18
CA ASP A 71 -9.45 34.72 -31.77
C ASP A 71 -10.87 35.01 -31.28
N PHE A 72 -11.24 36.28 -31.12
CA PHE A 72 -12.60 36.65 -30.75
C PHE A 72 -13.34 37.13 -32.01
N VAL A 73 -14.62 36.74 -32.13
CA VAL A 73 -15.45 37.12 -33.27
C VAL A 73 -15.75 38.62 -33.20
N ASP A 74 -16.02 39.19 -34.37
CA ASP A 74 -16.39 40.58 -34.54
C ASP A 74 -17.53 40.93 -33.58
N GLU A 75 -18.53 40.05 -33.45
CA GLU A 75 -19.77 40.39 -32.73
C GLU A 75 -19.48 40.69 -31.26
N ILE A 76 -18.60 39.89 -30.65
CA ILE A 76 -18.19 40.08 -29.28
C ILE A 76 -17.49 41.42 -29.15
N LEU A 77 -16.54 41.72 -30.04
CA LEU A 77 -15.78 42.95 -29.85
C LEU A 77 -16.68 44.15 -30.17
N THR A 78 -17.62 44.03 -31.13
CA THR A 78 -18.55 45.12 -31.37
C THR A 78 -19.33 45.39 -30.08
N SER A 79 -19.70 44.34 -29.34
CA SER A 79 -20.57 44.52 -28.22
C SER A 79 -19.80 45.11 -27.04
N LEU A 80 -18.49 44.82 -26.91
CA LEU A 80 -17.66 45.40 -25.86
C LEU A 80 -17.33 46.86 -26.13
N ILE A 81 -17.06 47.20 -27.37
CA ILE A 81 -16.67 48.53 -27.75
C ILE A 81 -17.92 49.39 -27.87
N GLY A 82 -19.04 48.82 -28.35
CA GLY A 82 -20.23 49.63 -28.62
C GLY A 82 -20.26 50.17 -30.05
N PHE A 83 -19.22 49.79 -30.84
CA PHE A 83 -19.03 50.28 -32.20
C PHE A 83 -18.59 49.15 -33.12
N SER A 84 -19.25 49.03 -34.27
CA SER A 84 -18.74 48.22 -35.38
C SER A 84 -17.54 48.91 -36.07
N VAL A 85 -16.82 48.18 -36.92
CA VAL A 85 -15.77 48.81 -37.70
C VAL A 85 -16.35 49.93 -38.56
N PRO A 86 -17.45 49.75 -39.32
CA PRO A 86 -18.03 50.89 -40.02
C PRO A 86 -18.36 52.07 -39.11
N GLU A 87 -18.88 51.81 -37.91
CA GLU A 87 -19.20 52.90 -37.00
C GLU A 87 -17.94 53.59 -36.50
N MET A 88 -16.90 52.83 -36.24
CA MET A 88 -15.62 53.44 -35.89
C MET A 88 -15.12 54.33 -37.03
N LYS A 89 -15.22 53.87 -38.29
CA LYS A 89 -14.76 54.72 -39.38
C LYS A 89 -15.61 55.97 -39.48
N GLN A 90 -16.93 55.83 -39.34
CA GLN A 90 -17.82 56.98 -39.39
C GLN A 90 -17.48 57.94 -38.26
N SER A 91 -16.92 57.46 -37.14
CA SER A 91 -16.73 58.32 -35.99
C SER A 91 -15.51 59.21 -36.19
N LYS A 92 -14.61 58.81 -37.05
CA LYS A 92 -13.46 59.59 -37.43
C LYS A 92 -13.90 60.81 -38.20
N LYS A 93 -15.21 60.91 -38.54
CA LYS A 93 -15.65 62.06 -39.34
C LYS A 93 -16.20 63.17 -38.47
N ASP A 94 -16.13 63.01 -37.14
CA ASP A 94 -16.79 63.96 -36.23
C ASP A 94 -16.19 63.81 -34.84
N PRO A 95 -15.45 64.83 -34.36
CA PRO A 95 -14.77 64.75 -33.07
C PRO A 95 -15.63 64.27 -31.91
N LEU A 96 -16.90 64.67 -31.82
CA LEU A 96 -17.63 64.27 -30.65
C LEU A 96 -17.88 62.76 -30.68
N GLN A 97 -18.18 62.24 -31.86
CA GLN A 97 -18.44 60.82 -32.01
C GLN A 97 -17.16 60.03 -31.82
N TYR A 98 -16.04 60.60 -32.21
CA TYR A 98 -14.79 59.85 -32.12
C TYR A 98 -14.41 59.73 -30.66
N GLN A 99 -14.72 60.77 -29.89
CA GLN A 99 -14.49 60.73 -28.47
C GLN A 99 -15.29 59.60 -27.83
N LYS A 100 -16.54 59.38 -28.28
CA LYS A 100 -17.35 58.28 -27.78
C LYS A 100 -16.76 56.92 -28.16
N PHE A 101 -16.15 56.81 -29.37
CA PHE A 101 -15.50 55.56 -29.73
C PHE A 101 -14.29 55.28 -28.84
N LEU A 102 -13.48 56.30 -28.53
CA LEU A 102 -12.35 56.13 -27.62
C LEU A 102 -12.83 55.66 -26.26
N GLU A 103 -13.98 56.19 -25.81
CA GLU A 103 -14.53 55.72 -24.55
C GLU A 103 -14.91 54.26 -24.69
N GLY A 104 -15.53 53.94 -25.81
CA GLY A 104 -15.92 52.55 -25.98
C GLY A 104 -14.71 51.62 -26.06
N LEU A 105 -13.61 52.11 -26.60
CA LEU A 105 -12.42 51.32 -26.73
C LEU A 105 -11.79 51.06 -25.35
N GLN A 106 -11.76 52.06 -24.47
CA GLN A 106 -11.25 51.86 -23.12
C GLN A 106 -12.09 50.84 -22.35
N LYS A 107 -13.42 50.91 -22.48
CA LYS A 107 -14.34 49.96 -21.86
C LYS A 107 -13.97 48.56 -22.36
N CYS A 108 -13.69 48.42 -23.65
CA CYS A 108 -13.40 47.11 -24.20
C CYS A 108 -12.08 46.56 -23.67
N GLN A 109 -11.05 47.42 -23.62
CA GLN A 109 -9.73 47.05 -23.13
C GLN A 109 -9.86 46.56 -21.69
N ARG A 110 -10.60 47.32 -20.92
CA ARG A 110 -10.84 46.95 -19.53
C ARG A 110 -11.59 45.62 -19.44
N ASP A 111 -12.62 45.43 -20.29
CA ASP A 111 -13.47 44.24 -20.23
C ASP A 111 -12.62 43.03 -20.61
N LEU A 112 -11.63 43.19 -21.50
CA LEU A 112 -10.79 42.07 -21.87
C LEU A 112 -9.81 41.76 -20.75
N ILE A 113 -9.31 42.78 -20.09
CA ILE A 113 -8.47 42.53 -18.93
C ILE A 113 -9.22 41.77 -17.84
N ASP A 114 -10.49 42.12 -17.58
CA ASP A 114 -11.20 41.56 -16.44
C ASP A 114 -12.02 40.33 -16.83
N LEU A 115 -12.02 39.96 -18.08
CA LEU A 115 -12.94 38.96 -18.57
C LEU A 115 -12.71 37.65 -17.82
N CYS A 116 -13.76 37.10 -17.25
CA CYS A 116 -13.70 35.79 -16.63
C CYS A 116 -15.11 35.25 -16.70
N CYS A 117 -15.39 34.41 -17.67
CA CYS A 117 -16.76 34.00 -17.91
C CYS A 117 -16.79 32.70 -18.67
N LEU A 118 -18.00 32.26 -18.98
CA LEU A 118 -18.20 31.09 -19.84
C LEU A 118 -18.00 31.56 -21.25
N MET A 119 -17.18 30.79 -21.99
CA MET A 119 -16.85 31.07 -23.37
C MET A 119 -17.23 29.85 -24.20
N THR A 120 -18.11 30.06 -25.18
CA THR A 120 -18.36 29.07 -26.19
C THR A 120 -17.26 29.22 -27.23
N ILE A 121 -16.50 28.16 -27.47
CA ILE A 121 -15.34 28.23 -28.34
C ILE A 121 -15.48 27.15 -29.40
N SER A 122 -14.99 27.49 -30.58
CA SER A 122 -14.92 26.58 -31.72
C SER A 122 -13.46 26.19 -31.90
N PHE A 123 -13.15 24.94 -31.54
CA PHE A 123 -11.79 24.47 -31.46
C PHE A 123 -11.42 23.73 -32.72
N ASN A 124 -10.42 24.26 -33.40
CA ASN A 124 -9.85 23.60 -34.56
C ASN A 124 -8.66 22.73 -34.16
N PRO A 125 -8.78 21.39 -34.06
CA PRO A 125 -7.64 20.60 -33.58
C PRO A 125 -6.48 20.61 -34.59
N SER A 126 -6.71 20.88 -35.90
CA SER A 126 -5.58 20.94 -36.80
C SER A 126 -4.69 22.16 -36.48
N LEU A 127 -5.25 23.31 -36.08
CA LEU A 127 -4.47 24.53 -35.84
C LEU A 127 -4.17 24.77 -34.35
N SER A 128 -4.48 23.82 -33.46
CA SER A 128 -4.51 24.00 -32.00
C SER A 128 -4.91 25.41 -31.56
N LYS A 129 -5.99 25.95 -32.14
CA LYS A 129 -6.51 27.22 -31.66
C LYS A 129 -8.02 27.25 -31.85
N ALA A 130 -8.68 28.31 -31.36
CA ALA A 130 -10.13 28.32 -31.38
C ALA A 130 -10.69 29.70 -31.68
N MET A 131 -11.95 29.76 -32.15
CA MET A 131 -12.66 31.03 -32.15
C MET A 131 -13.61 31.12 -30.95
N VAL A 132 -13.62 32.23 -30.23
CA VAL A 132 -14.61 32.47 -29.21
C VAL A 132 -15.82 33.04 -29.90
N LEU A 133 -16.95 32.33 -29.77
CA LEU A 133 -18.21 32.61 -30.47
C LEU A 133 -19.11 33.45 -29.61
N ALA A 134 -19.18 33.10 -28.32
CA ALA A 134 -20.07 33.80 -27.40
C ALA A 134 -19.48 33.85 -26.00
N LEU A 135 -19.85 34.88 -25.24
CA LEU A 135 -19.51 35.01 -23.83
C LEU A 135 -20.79 34.88 -23.00
N GLN A 136 -20.75 34.28 -21.84
CA GLN A 136 -21.93 34.19 -21.01
C GLN A 136 -21.50 34.30 -19.54
N ASP A 137 -22.30 35.04 -18.72
CA ASP A 137 -21.98 35.19 -17.30
CA ASP A 137 -22.00 35.22 -17.31
C ASP A 137 -22.58 33.99 -16.60
N VAL A 138 -22.02 33.63 -15.45
CA VAL A 138 -22.54 32.46 -14.74
C VAL A 138 -23.82 32.80 -13.99
N ASN A 139 -24.65 31.79 -13.82
CA ASN A 139 -25.87 32.01 -13.09
C ASN A 139 -26.13 30.83 -12.15
N MET A 140 -27.23 30.90 -11.42
CA MET A 140 -27.58 29.89 -10.43
C MET A 140 -27.78 28.53 -11.09
N GLU A 141 -28.25 28.47 -12.35
CA GLU A 141 -28.34 27.18 -13.04
C GLU A 141 -26.97 26.55 -13.21
N HIS A 142 -25.96 27.36 -13.53
CA HIS A 142 -24.61 26.83 -13.60
C HIS A 142 -24.20 26.26 -12.25
N LEU A 143 -24.42 26.98 -11.16
CA LEU A 143 -24.13 26.49 -9.83
CA LEU A 143 -24.13 26.49 -9.83
C LEU A 143 -24.84 25.16 -9.60
N GLU A 144 -26.14 25.12 -9.86
CA GLU A 144 -26.90 23.90 -9.65
C GLU A 144 -26.33 22.76 -10.50
N ASN A 145 -25.95 23.02 -11.77
CA ASN A 145 -25.45 21.95 -12.61
C ASN A 145 -24.11 21.38 -12.08
N LEU A 146 -23.30 22.23 -11.47
CA LEU A 146 -22.02 21.84 -10.91
C LEU A 146 -22.25 21.00 -9.66
N LYS A 147 -23.20 21.41 -8.80
CA LYS A 147 -23.57 20.59 -7.67
C LYS A 147 -24.05 19.21 -8.13
N LYS A 148 -24.88 19.16 -9.18
CA LYS A 148 -25.46 17.91 -9.65
C LYS A 148 -24.35 17.02 -10.22
N ARG A 149 -23.44 17.60 -10.99
CA ARG A 149 -22.32 16.85 -11.54
C ARG A 149 -21.44 16.33 -10.41
N LEU A 150 -21.21 17.08 -9.34
CA LEU A 150 -20.46 16.60 -8.18
C LEU A 150 -21.26 15.64 -7.28
N ASN A 151 -22.48 15.31 -7.68
CA ASN A 151 -23.35 14.32 -7.06
C ASN A 151 -23.71 14.81 -5.68
N LYS A 152 -24.12 16.08 -5.59
CA LYS A 152 -24.39 16.74 -4.30
C LYS A 152 -25.88 17.08 -4.18
N ALA B 13 2.48 41.67 -28.71
CA ALA B 13 3.95 41.54 -28.48
C ALA B 13 4.31 40.09 -28.14
N GLY B 14 5.66 39.80 -28.14
CA GLY B 14 6.36 38.62 -27.62
C GLY B 14 6.28 38.42 -26.07
N VAL B 15 5.33 37.57 -25.64
CA VAL B 15 4.90 37.24 -24.30
C VAL B 15 5.59 35.97 -23.80
N ARG B 16 5.58 35.69 -22.50
CA ARG B 16 6.19 34.50 -21.92
C ARG B 16 5.41 34.15 -20.65
N LEU B 17 4.90 32.92 -20.61
CA LEU B 17 3.97 32.51 -19.61
C LEU B 17 4.55 31.37 -18.77
N PRO B 18 4.05 31.12 -17.54
CA PRO B 18 4.40 29.90 -16.84
C PRO B 18 4.15 28.66 -17.71
N ARG B 19 5.01 27.65 -17.54
CA ARG B 19 5.00 26.48 -18.40
C ARG B 19 3.68 25.75 -18.22
N SER B 20 3.20 25.71 -17.00
CA SER B 20 1.98 24.96 -16.72
C SER B 20 0.81 25.90 -16.46
N PRO B 21 -0.42 25.36 -16.63
CA PRO B 21 -1.60 26.20 -16.56
C PRO B 21 -1.90 26.57 -15.12
N PRO B 22 -2.63 27.67 -14.91
CA PRO B 22 -3.02 28.05 -13.57
C PRO B 22 -4.09 27.11 -13.00
N LEU B 23 -3.63 26.11 -12.25
CA LEU B 23 -4.53 25.18 -11.59
C LEU B 23 -5.40 25.91 -10.56
N LYS B 24 -6.69 25.58 -10.46
CA LYS B 24 -7.54 26.16 -9.42
C LYS B 24 -7.26 25.47 -8.10
N VAL B 25 -7.02 26.27 -7.05
CA VAL B 25 -6.79 25.71 -5.73
C VAL B 25 -7.37 26.61 -4.64
N LEU B 26 -7.52 25.98 -3.48
CA LEU B 26 -7.84 26.63 -2.23
C LEU B 26 -6.58 26.75 -1.37
N ALA B 27 -6.53 27.83 -0.60
CA ALA B 27 -5.51 28.12 0.39
C ALA B 27 -5.18 26.90 1.23
N GLU B 28 -6.18 26.21 1.78
CA GLU B 28 -5.90 25.07 2.65
C GLU B 28 -5.18 24.01 1.82
N GLN B 29 -5.49 23.85 0.53
CA GLN B 29 -4.84 22.82 -0.23
C GLN B 29 -3.36 23.10 -0.35
N LEU B 30 -3.00 24.37 -0.56
CA LEU B 30 -1.59 24.72 -0.58
C LEU B 30 -0.99 24.49 0.81
N ARG B 31 -1.64 25.08 1.82
CA ARG B 31 -1.12 25.10 3.16
C ARG B 31 -0.81 23.70 3.64
N ARG B 32 -1.60 22.70 3.24
CA ARG B 32 -1.51 21.40 3.89
C ARG B 32 -1.11 20.29 2.94
N ASP B 33 -1.23 20.47 1.62
CA ASP B 33 -1.02 19.34 0.70
C ASP B 33 0.22 19.56 -0.18
N ALA B 34 0.71 20.79 -0.24
CA ALA B 34 1.88 21.09 -1.04
C ALA B 34 3.11 20.57 -0.31
N GLU B 35 4.08 20.13 -1.13
CA GLU B 35 5.41 19.79 -0.66
C GLU B 35 6.38 20.15 -1.77
N GLY B 36 7.66 19.76 -1.60
CA GLY B 36 8.71 20.29 -2.42
C GLY B 36 9.11 21.65 -1.88
N GLY B 37 9.51 22.54 -2.77
CA GLY B 37 10.10 23.79 -2.33
C GLY B 37 10.12 24.80 -3.46
N PRO B 38 10.66 26.01 -3.22
CA PRO B 38 10.70 27.04 -4.26
C PRO B 38 11.09 26.49 -5.63
N GLY B 39 10.24 26.74 -6.65
CA GLY B 39 10.55 26.34 -8.01
C GLY B 39 10.32 24.85 -8.27
N ALA B 40 9.87 24.08 -7.28
CA ALA B 40 9.57 22.66 -7.43
C ALA B 40 8.39 22.28 -6.52
N TRP B 41 7.30 23.05 -6.61
CA TRP B 41 6.12 22.84 -5.78
C TRP B 41 5.27 21.75 -6.39
N ARG B 42 4.79 20.84 -5.55
CA ARG B 42 3.88 19.83 -6.02
C ARG B 42 2.78 19.65 -4.97
N LEU B 43 1.57 19.36 -5.43
CA LEU B 43 0.42 19.19 -4.55
C LEU B 43 0.09 17.71 -4.38
N SER B 44 0.15 17.21 -3.13
CA SER B 44 -0.22 15.84 -2.79
C SER B 44 -1.71 15.63 -3.05
N ARG B 45 -2.04 14.49 -3.67
CA ARG B 45 -3.41 13.98 -3.81
C ARG B 45 -3.45 12.54 -3.24
N ALA B 46 -2.68 12.32 -2.16
CA ALA B 46 -2.50 10.98 -1.61
C ALA B 46 -3.86 10.49 -1.08
N ALA B 47 -4.61 11.43 -0.49
CA ALA B 47 -5.94 11.23 0.03
C ALA B 47 -6.88 10.68 -1.05
N ALA B 48 -6.88 11.26 -2.26
CA ALA B 48 -7.73 10.77 -3.34
C ALA B 48 -7.04 9.64 -4.12
N GLY B 49 -5.93 9.14 -3.58
CA GLY B 49 -5.16 8.06 -4.18
C GLY B 49 -4.73 8.34 -5.61
N ARG B 50 -4.10 9.50 -5.84
CA ARG B 50 -3.63 9.93 -7.16
C ARG B 50 -2.26 10.58 -7.03
N GLY B 51 -1.56 10.75 -8.15
CA GLY B 51 -0.19 11.25 -8.16
C GLY B 51 -0.10 12.75 -7.89
N PRO B 52 1.08 13.22 -7.44
CA PRO B 52 1.35 14.65 -7.28
C PRO B 52 0.97 15.53 -8.46
N LEU B 53 0.39 16.72 -8.21
CA LEU B 53 0.21 17.71 -9.26
C LEU B 53 1.33 18.74 -9.18
N ASP B 54 1.68 19.22 -10.37
CA ASP B 54 2.71 20.22 -10.52
C ASP B 54 2.06 21.57 -10.19
N LEU B 55 2.80 22.39 -9.45
CA LEU B 55 2.27 23.56 -8.79
C LEU B 55 3.32 24.65 -9.01
N ALA B 56 3.27 25.26 -10.18
CA ALA B 56 3.88 26.57 -10.34
C ALA B 56 2.73 27.55 -10.31
N ALA B 57 1.87 27.47 -11.32
CA ALA B 57 0.90 28.51 -11.56
C ALA B 57 -0.44 28.09 -10.96
N VAL B 58 -1.12 29.07 -10.38
CA VAL B 58 -2.42 28.77 -9.81
C VAL B 58 -3.40 29.88 -10.13
N TRP B 59 -4.65 29.44 -10.07
CA TRP B 59 -5.83 30.26 -10.13
C TRP B 59 -6.49 30.14 -8.77
N MET B 60 -6.59 31.26 -8.06
CA MET B 60 -7.17 31.29 -6.74
C MET B 60 -8.20 32.42 -6.66
N GLN B 61 -9.17 32.35 -5.75
CA GLN B 61 -10.15 33.43 -5.66
C GLN B 61 -10.47 33.69 -4.19
N GLY B 62 -10.81 34.93 -3.87
CA GLY B 62 -11.21 35.25 -2.52
C GLY B 62 -11.64 36.67 -2.35
N ARG B 63 -12.07 36.94 -1.11
CA ARG B 63 -12.34 38.29 -0.67
C ARG B 63 -11.01 38.89 -0.20
N VAL B 64 -10.71 40.08 -0.67
CA VAL B 64 -9.60 40.87 -0.15
C VAL B 64 -9.89 41.25 1.30
N VAL B 65 -8.99 40.88 2.21
CA VAL B 65 -9.13 41.33 3.60
C VAL B 65 -8.03 42.30 3.99
N MET B 66 -6.93 42.36 3.23
CA MET B 66 -5.88 43.32 3.48
C MET B 66 -5.28 43.73 2.15
N ALA B 67 -5.01 45.03 2.01
CA ALA B 67 -4.31 45.57 0.85
C ALA B 67 -3.24 46.55 1.30
N ASP B 68 -2.03 46.44 0.73
CA ASP B 68 -0.92 47.25 1.18
C ASP B 68 0.08 47.39 0.05
N ARG B 69 0.06 48.52 -0.64
CA ARG B 69 0.89 48.76 -1.82
C ARG B 69 0.55 47.63 -2.79
N GLY B 70 1.51 46.74 -3.06
CA GLY B 70 1.30 45.67 -4.01
C GLY B 70 1.12 44.28 -3.39
N GLU B 71 0.98 44.21 -2.07
CA GLU B 71 0.63 42.97 -1.41
C GLU B 71 -0.84 42.98 -1.01
N ALA B 72 -1.44 41.79 -1.00
CA ALA B 72 -2.79 41.64 -0.49
C ALA B 72 -2.86 40.35 0.28
N ARG B 73 -3.78 40.31 1.26
CA ARG B 73 -4.17 39.05 1.86
C ARG B 73 -5.62 38.83 1.49
N LEU B 74 -5.95 37.59 1.15
CA LEU B 74 -7.26 37.26 0.64
C LEU B 74 -7.80 36.09 1.41
N ARG B 75 -9.12 35.99 1.54
CA ARG B 75 -9.77 34.86 2.22
C ARG B 75 -10.64 34.12 1.22
N ASP B 76 -10.38 32.83 1.03
CA ASP B 76 -11.29 31.94 0.32
C ASP B 76 -12.00 31.11 1.38
N PRO B 77 -12.99 30.27 1.06
CA PRO B 77 -13.68 29.48 2.08
C PRO B 77 -12.81 28.58 2.96
N SER B 78 -11.59 28.28 2.51
CA SER B 78 -10.72 27.37 3.25
C SER B 78 -9.70 28.12 4.09
N GLY B 79 -9.46 29.40 3.85
CA GLY B 79 -8.42 30.06 4.63
C GLY B 79 -7.83 31.29 3.94
N ASP B 80 -6.77 31.87 4.53
CA ASP B 80 -6.16 33.03 3.94
C ASP B 80 -4.92 32.69 3.07
N PHE B 81 -4.66 33.54 2.07
CA PHE B 81 -3.43 33.49 1.30
C PHE B 81 -2.98 34.89 0.93
N SER B 82 -1.69 35.02 0.62
CA SER B 82 -1.12 36.30 0.29
C SER B 82 -0.74 36.38 -1.18
N VAL B 83 -0.64 37.62 -1.66
CA VAL B 83 -0.23 37.86 -3.02
C VAL B 83 0.74 39.02 -3.00
N ARG B 84 1.87 38.86 -3.66
CA ARG B 84 2.81 39.94 -3.82
C ARG B 84 2.84 40.38 -5.27
N GLY B 85 3.37 41.58 -5.46
CA GLY B 85 3.69 42.05 -6.79
C GLY B 85 2.51 42.57 -7.58
N LEU B 86 1.43 43.03 -6.91
CA LEU B 86 0.28 43.45 -7.66
C LEU B 86 0.49 44.78 -8.38
N GLU B 87 1.52 45.54 -8.03
CA GLU B 87 1.78 46.82 -8.69
C GLU B 87 2.15 46.58 -10.17
N ARG B 88 2.37 45.32 -10.56
CA ARG B 88 2.90 45.03 -11.90
C ARG B 88 1.92 44.44 -12.88
N VAL B 89 0.75 44.08 -12.42
CA VAL B 89 -0.16 43.26 -13.19
C VAL B 89 -1.17 44.16 -13.84
N PRO B 90 -1.89 43.67 -14.87
CA PRO B 90 -2.84 44.52 -15.57
C PRO B 90 -3.95 44.99 -14.66
N ARG B 91 -4.28 46.27 -14.80
CA ARG B 91 -5.28 46.96 -14.03
C ARG B 91 -6.61 46.97 -14.78
N GLY B 92 -7.54 46.17 -14.31
CA GLY B 92 -8.90 46.30 -14.79
C GLY B 92 -9.72 47.24 -13.91
N ARG B 93 -10.98 46.88 -13.66
CA ARG B 93 -11.75 47.55 -12.63
C ARG B 93 -10.95 47.49 -11.33
N PRO B 94 -10.69 48.64 -10.66
CA PRO B 94 -9.84 48.68 -9.47
C PRO B 94 -10.51 47.84 -8.39
N CYS B 95 -9.75 46.95 -7.76
CA CYS B 95 -10.37 46.08 -6.80
C CYS B 95 -9.42 45.65 -5.68
N LEU B 96 -8.39 46.43 -5.39
CA LEU B 96 -7.41 46.09 -4.36
C LEU B 96 -7.70 46.91 -3.10
N VAL B 97 -8.91 46.62 -2.55
CA VAL B 97 -9.39 47.23 -1.32
C VAL B 97 -10.17 46.18 -0.58
N PRO B 98 -10.28 46.24 0.75
CA PRO B 98 -11.00 45.22 1.49
C PRO B 98 -12.43 45.14 0.98
N GLY B 99 -12.93 43.92 0.81
CA GLY B 99 -14.35 43.73 0.54
C GLY B 99 -14.58 43.22 -0.86
N LYS B 100 -13.65 43.46 -1.77
CA LYS B 100 -13.79 42.98 -3.13
C LYS B 100 -13.52 41.48 -3.21
N TYR B 101 -14.26 40.83 -4.11
CA TYR B 101 -14.10 39.42 -4.41
C TYR B 101 -13.43 39.37 -5.77
N VAL B 102 -12.30 38.66 -5.82
CA VAL B 102 -11.39 38.79 -6.97
C VAL B 102 -10.79 37.44 -7.31
N MET B 103 -10.33 37.29 -8.56
CA MET B 103 -9.50 36.12 -8.89
C MET B 103 -8.06 36.58 -9.00
N VAL B 104 -7.15 35.64 -8.71
CA VAL B 104 -5.72 35.85 -8.88
C VAL B 104 -5.17 34.71 -9.70
N MET B 105 -4.49 35.06 -10.75
CA MET B 105 -3.52 34.11 -11.32
C MET B 105 -2.16 34.45 -10.68
N GLY B 106 -1.52 33.44 -10.12
CA GLY B 106 -0.18 33.64 -9.58
C GLY B 106 0.70 32.41 -9.61
N VAL B 107 1.94 32.61 -9.21
CA VAL B 107 2.93 31.57 -9.03
C VAL B 107 3.18 31.40 -7.54
N VAL B 108 3.30 30.14 -7.11
CA VAL B 108 3.44 29.80 -5.71
C VAL B 108 4.86 30.06 -5.23
N GLN B 109 5.01 30.90 -4.18
CA GLN B 109 6.30 31.20 -3.58
C GLN B 109 6.50 30.47 -2.24
N ALA B 110 5.46 30.42 -1.42
CA ALA B 110 5.48 29.68 -0.16
C ALA B 110 4.09 29.06 0.05
N CYS B 111 4.06 27.99 0.85
CA CYS B 111 2.83 27.31 1.19
C CYS B 111 2.47 27.36 2.69
N SER B 112 3.43 27.47 3.61
CA SER B 112 3.08 27.58 5.02
C SER B 112 4.14 28.37 5.78
N PRO B 113 3.81 29.07 6.90
CA PRO B 113 2.51 28.98 7.55
C PRO B 113 1.33 29.48 6.69
N GLU B 114 1.62 30.36 5.71
CA GLU B 114 0.55 30.96 4.93
C GLU B 114 0.88 30.97 3.45
N PRO B 115 0.00 30.45 2.56
CA PRO B 115 0.31 30.40 1.14
C PRO B 115 0.56 31.80 0.58
N CYS B 116 1.58 31.92 -0.27
CA CYS B 116 1.92 33.21 -0.86
C CYS B 116 2.14 33.04 -2.37
N LEU B 117 1.58 33.96 -3.15
CA LEU B 117 1.72 33.92 -4.59
C LEU B 117 2.46 35.15 -5.06
N GLN B 118 3.26 35.00 -6.13
CA GLN B 118 3.67 36.10 -6.97
C GLN B 118 2.59 36.33 -8.00
N ALA B 119 2.12 37.58 -8.09
CA ALA B 119 0.91 37.87 -8.86
C ALA B 119 1.25 37.92 -10.33
N VAL B 120 0.34 37.36 -11.14
CA VAL B 120 0.40 37.52 -12.56
C VAL B 120 -0.80 38.32 -13.06
N LYS B 121 -1.99 38.01 -12.57
CA LYS B 121 -3.13 38.90 -12.74
C LYS B 121 -4.00 38.90 -11.49
N MET B 122 -4.72 40.02 -11.30
CA MET B 122 -5.80 40.06 -10.31
C MET B 122 -6.95 40.80 -10.95
N THR B 123 -8.14 40.16 -11.02
CA THR B 123 -9.29 40.81 -11.63
C THR B 123 -10.57 40.70 -10.81
N ASP B 124 -11.39 41.77 -10.91
CA ASP B 124 -12.55 41.93 -10.06
C ASP B 124 -13.59 40.86 -10.40
N LEU B 125 -14.23 40.22 -9.39
CA LEU B 125 -15.34 39.35 -9.68
C LEU B 125 -16.54 39.83 -8.87
N SER B 126 -16.52 41.09 -8.45
CA SER B 126 -17.47 41.50 -7.43
C SER B 126 -18.87 41.71 -8.00
N ASP B 127 -18.99 42.05 -9.29
CA ASP B 127 -20.26 42.54 -9.80
C ASP B 127 -21.21 41.37 -10.13
N ASN B 128 -20.77 40.13 -10.00
CA ASN B 128 -21.71 39.03 -9.97
C ASN B 128 -21.39 38.07 -8.83
N PRO B 129 -22.16 38.12 -7.72
CA PRO B 129 -21.89 37.29 -6.55
C PRO B 129 -21.89 35.80 -6.84
N ILE B 130 -22.38 35.37 -7.99
CA ILE B 130 -22.50 33.94 -8.24
C ILE B 130 -21.13 33.31 -8.48
N HIS B 131 -20.14 34.13 -8.88
CA HIS B 131 -18.80 33.61 -8.92
C HIS B 131 -18.44 33.04 -7.57
N GLU B 132 -18.60 33.83 -6.53
CA GLU B 132 -18.22 33.40 -5.18
C GLU B 132 -18.97 32.15 -4.75
N SER B 133 -20.26 32.03 -5.06
CA SER B 133 -21.01 30.82 -4.72
C SER B 133 -20.40 29.56 -5.35
N MET B 134 -19.80 29.74 -6.54
CA MET B 134 -19.42 28.59 -7.35
C MET B 134 -17.98 28.13 -7.09
N TRP B 135 -17.17 29.01 -6.52
CA TRP B 135 -15.73 28.82 -6.57
C TRP B 135 -15.29 27.50 -5.93
N GLU B 136 -15.75 27.19 -4.73
CA GLU B 136 -15.27 26.01 -4.06
C GLU B 136 -15.70 24.78 -4.85
N LEU B 137 -16.91 24.79 -5.41
CA LEU B 137 -17.37 23.70 -6.26
C LEU B 137 -16.51 23.60 -7.54
N GLU B 138 -16.05 24.73 -8.07
CA GLU B 138 -15.23 24.74 -9.24
C GLU B 138 -13.90 24.04 -8.95
N VAL B 139 -13.30 24.35 -7.80
CA VAL B 139 -12.03 23.76 -7.45
C VAL B 139 -12.22 22.25 -7.37
N GLU B 140 -13.28 21.81 -6.73
CA GLU B 140 -13.47 20.40 -6.49
C GLU B 140 -13.71 19.71 -7.84
N ASP B 141 -14.45 20.37 -8.75
CA ASP B 141 -14.87 19.71 -9.95
C ASP B 141 -13.65 19.58 -10.85
N LEU B 142 -12.83 20.63 -10.90
CA LEU B 142 -11.63 20.60 -11.71
C LEU B 142 -10.71 19.51 -11.17
N HIS B 143 -10.50 19.46 -9.84
CA HIS B 143 -9.62 18.44 -9.29
C HIS B 143 -10.09 17.04 -9.66
N ARG B 144 -11.41 16.79 -9.76
CA ARG B 144 -11.89 15.46 -10.09
C ARG B 144 -11.54 15.06 -11.51
N ASN B 145 -11.29 16.02 -12.42
CA ASN B 145 -11.12 15.73 -13.84
C ASN B 145 -9.66 15.79 -14.29
N ILE B 146 -8.73 15.94 -13.34
CA ILE B 146 -7.31 15.82 -13.61
C ILE B 146 -6.85 14.43 -13.19
N PRO B 147 -6.26 13.66 -14.13
CA PRO B 147 -6.06 12.22 -13.93
C PRO B 147 -5.03 11.88 -12.83
N SER C 8 19.52 -41.19 9.58
CA SER C 8 20.81 -41.74 10.07
C SER C 8 21.83 -40.60 10.15
N ILE C 9 22.28 -40.13 8.99
CA ILE C 9 22.91 -38.84 8.77
C ILE C 9 21.90 -37.83 8.22
N ALA C 10 20.59 -38.09 8.33
CA ALA C 10 19.58 -37.11 7.95
C ALA C 10 19.81 -35.81 8.72
N MET C 11 19.50 -34.66 8.11
CA MET C 11 19.74 -33.36 8.71
C MET C 11 18.68 -33.08 9.80
N ASP C 12 19.11 -32.63 10.98
CA ASP C 12 18.16 -32.29 12.05
C ASP C 12 17.68 -30.85 11.84
N LEU C 13 16.55 -30.55 12.45
CA LEU C 13 15.81 -29.32 12.18
C LEU C 13 16.44 -28.11 12.86
N TYR C 14 17.50 -28.32 13.69
CA TYR C 14 18.22 -27.23 14.33
C TYR C 14 19.61 -26.98 13.69
N SER C 15 19.93 -27.61 12.56
CA SER C 15 21.28 -27.58 12.07
C SER C 15 21.58 -26.21 11.44
N PRO C 16 22.55 -25.46 12.01
CA PRO C 16 22.89 -24.15 11.45
C PRO C 16 23.71 -24.28 10.16
N PRO C 17 23.65 -23.28 9.28
CA PRO C 17 22.94 -22.04 9.54
C PRO C 17 21.46 -21.98 9.20
N PHE C 18 20.95 -23.01 8.52
CA PHE C 18 19.57 -23.06 8.09
C PHE C 18 19.29 -24.49 7.66
N VAL C 19 17.99 -24.79 7.58
CA VAL C 19 17.53 -26.09 7.16
C VAL C 19 16.71 -25.89 5.90
N TYR C 20 16.09 -26.98 5.44
CA TYR C 20 15.31 -26.94 4.21
C TYR C 20 13.86 -27.33 4.49
N LEU C 21 12.96 -26.78 3.67
CA LEU C 21 11.55 -27.09 3.74
C LEU C 21 11.31 -28.55 3.45
N SER C 22 12.04 -29.06 2.46
CA SER C 22 11.88 -30.47 2.12
C SER C 22 12.24 -31.34 3.31
N VAL C 23 13.23 -30.92 4.08
CA VAL C 23 13.62 -31.72 5.24
C VAL C 23 12.57 -31.63 6.34
N LEU C 24 12.00 -30.44 6.51
CA LEU C 24 10.94 -30.25 7.49
C LEU C 24 9.79 -31.19 7.18
N MET C 25 9.35 -31.24 5.91
CA MET C 25 8.15 -31.96 5.51
C MET C 25 8.37 -33.46 5.69
N ALA C 26 9.56 -33.92 5.31
CA ALA C 26 9.90 -35.33 5.44
C ALA C 26 9.91 -35.78 6.91
N SER C 27 10.20 -34.86 7.86
CA SER C 27 10.21 -35.17 9.29
C SER C 27 8.80 -35.41 9.82
N LYS C 28 7.78 -35.03 9.01
CA LYS C 28 6.35 -35.34 9.19
C LYS C 28 5.92 -34.83 10.58
N PRO C 29 5.99 -33.51 10.79
CA PRO C 29 5.81 -32.92 12.11
C PRO C 29 4.35 -32.97 12.53
N LYS C 30 4.16 -33.38 13.80
CA LYS C 30 2.85 -33.49 14.41
C LYS C 30 2.38 -32.14 14.97
N GLU C 31 3.30 -31.25 15.35
CA GLU C 31 2.96 -30.01 16.06
C GLU C 31 3.49 -28.84 15.28
N VAL C 32 3.06 -27.63 15.63
CA VAL C 32 3.68 -26.44 15.06
C VAL C 32 5.18 -26.44 15.33
N THR C 33 5.97 -26.12 14.31
CA THR C 33 7.41 -26.28 14.35
C THR C 33 8.12 -25.01 13.87
N THR C 34 9.06 -24.49 14.69
CA THR C 34 9.90 -23.38 14.27
C THR C 34 11.14 -23.92 13.59
N VAL C 35 11.44 -23.41 12.37
CA VAL C 35 12.71 -23.66 11.71
C VAL C 35 13.16 -22.37 11.05
N LYS C 36 14.43 -22.35 10.62
CA LYS C 36 14.99 -21.21 9.94
C LYS C 36 15.41 -21.69 8.58
N VAL C 37 15.03 -20.94 7.54
CA VAL C 37 15.37 -21.33 6.18
C VAL C 37 15.90 -20.12 5.44
N LYS C 38 16.69 -20.35 4.38
CA LYS C 38 17.06 -19.24 3.52
C LYS C 38 16.14 -19.29 2.30
N ALA C 39 15.43 -18.19 2.12
CA ALA C 39 14.33 -18.17 1.19
C ALA C 39 14.09 -16.78 0.61
N PHE C 40 13.35 -16.75 -0.51
CA PHE C 40 12.84 -15.54 -1.11
C PHE C 40 11.34 -15.70 -1.40
N ILE C 41 10.68 -14.57 -1.67
CA ILE C 41 9.27 -14.61 -2.05
C ILE C 41 9.17 -14.76 -3.57
N VAL C 42 8.56 -15.86 -3.98
CA VAL C 42 8.26 -16.15 -5.36
C VAL C 42 7.14 -15.28 -5.88
N THR C 43 6.05 -15.22 -5.11
CA THR C 43 4.95 -14.30 -5.40
C THR C 43 4.26 -13.97 -4.07
N LEU C 44 3.69 -12.76 -3.97
CA LEU C 44 2.64 -12.46 -2.99
C LEU C 44 1.37 -13.21 -3.41
N THR C 45 0.47 -13.44 -2.46
CA THR C 45 -0.79 -14.12 -2.73
C THR C 45 -2.00 -13.36 -2.18
N GLY C 46 -1.86 -12.08 -1.79
CA GLY C 46 -2.99 -11.25 -1.40
C GLY C 46 -2.53 -9.82 -1.25
N ASN C 47 -3.46 -8.90 -1.00
CA ASN C 47 -3.08 -7.52 -0.71
C ASN C 47 -2.62 -7.36 0.73
N LEU C 48 -1.92 -6.26 0.97
CA LEU C 48 -1.64 -5.84 2.30
C LEU C 48 -2.99 -5.58 2.98
N SER C 49 -3.17 -6.11 4.17
CA SER C 49 -4.37 -5.91 4.98
C SER C 49 -4.05 -5.23 6.32
N SER C 50 -4.97 -4.41 6.79
CA SER C 50 -4.87 -3.79 8.12
C SER C 50 -5.98 -4.29 9.04
N SER C 51 -6.65 -5.34 8.63
CA SER C 51 -7.78 -5.72 9.45
C SER C 51 -7.28 -6.28 10.80
N GLY C 52 -8.03 -5.97 11.87
CA GLY C 52 -7.77 -6.40 13.23
C GLY C 52 -6.70 -5.55 13.92
N GLY C 53 -6.36 -4.44 13.26
CA GLY C 53 -5.45 -3.47 13.83
C GLY C 53 -3.99 -3.78 13.52
N ILE C 54 -3.74 -4.81 12.69
CA ILE C 54 -2.40 -5.20 12.33
C ILE C 54 -2.25 -5.35 10.83
N TRP C 55 -0.98 -5.32 10.44
CA TRP C 55 -0.62 -5.53 9.06
C TRP C 55 -0.55 -7.01 8.80
N SER C 56 -1.05 -7.43 7.65
CA SER C 56 -0.81 -8.80 7.25
C SER C 56 -0.74 -8.90 5.73
N ILE C 57 -0.07 -9.97 5.25
CA ILE C 57 0.03 -10.23 3.83
C ILE C 57 0.45 -11.66 3.64
N THR C 58 -0.12 -12.38 2.67
CA THR C 58 0.22 -13.78 2.41
C THR C 58 1.16 -13.90 1.21
N ALA C 59 1.92 -14.99 1.12
CA ALA C 59 2.93 -15.15 0.10
C ALA C 59 3.31 -16.61 -0.09
N LYS C 60 3.92 -16.93 -1.25
CA LYS C 60 4.58 -18.21 -1.45
C LYS C 60 6.07 -17.95 -1.49
N VAL C 61 6.79 -18.63 -0.57
CA VAL C 61 8.25 -18.54 -0.56
C VAL C 61 8.79 -19.86 -1.10
N SER C 62 10.08 -19.82 -1.45
CA SER C 62 10.82 -21.03 -1.71
C SER C 62 12.21 -20.92 -1.10
N ASP C 63 12.73 -22.07 -0.68
CA ASP C 63 14.12 -22.20 -0.23
C ASP C 63 14.94 -23.04 -1.24
N GLY C 64 14.33 -23.32 -2.39
CA GLY C 64 14.97 -24.13 -3.41
C GLY C 64 14.59 -25.61 -3.35
N THR C 65 13.88 -26.02 -2.30
CA THR C 65 13.58 -27.43 -2.09
C THR C 65 12.07 -27.66 -2.02
N ALA C 66 11.26 -26.60 -1.78
CA ALA C 66 9.81 -26.63 -1.87
C ALA C 66 9.22 -25.21 -1.98
N TYR C 67 7.95 -25.12 -2.37
CA TYR C 67 7.15 -23.90 -2.18
C TYR C 67 6.37 -23.97 -0.85
N LEU C 68 6.14 -22.81 -0.18
CA LEU C 68 5.41 -22.74 1.09
C LEU C 68 4.55 -21.49 1.15
N ASP C 69 3.24 -21.61 1.40
CA ASP C 69 2.44 -20.43 1.74
C ASP C 69 2.79 -19.92 3.15
N VAL C 70 2.93 -18.61 3.29
CA VAL C 70 3.27 -18.00 4.54
C VAL C 70 2.40 -16.76 4.72
N ASP C 71 2.22 -16.33 5.98
N ASP C 71 2.24 -16.33 5.99
CA ASP C 71 1.74 -15.00 6.32
CA ASP C 71 1.70 -15.04 6.36
C ASP C 71 2.89 -14.30 7.03
C ASP C 71 2.86 -14.30 7.05
N PHE C 72 2.99 -12.98 6.90
CA PHE C 72 4.03 -12.23 7.63
C PHE C 72 3.38 -11.56 8.84
N VAL C 73 4.17 -11.55 9.95
CA VAL C 73 3.71 -10.97 11.22
C VAL C 73 3.64 -9.44 11.09
N ASP C 74 2.76 -8.86 11.92
CA ASP C 74 2.62 -7.42 12.01
C ASP C 74 3.97 -6.74 12.17
N GLU C 75 4.83 -7.28 13.03
CA GLU C 75 6.05 -6.57 13.42
C GLU C 75 6.98 -6.39 12.20
N ILE C 76 7.10 -7.44 11.40
CA ILE C 76 7.95 -7.32 10.20
C ILE C 76 7.38 -6.26 9.26
N LEU C 77 6.07 -6.30 8.99
CA LEU C 77 5.52 -5.32 8.07
C LEU C 77 5.54 -3.90 8.66
N THR C 78 5.35 -3.76 9.96
CA THR C 78 5.51 -2.44 10.57
C THR C 78 6.91 -1.93 10.31
N SER C 79 7.91 -2.82 10.46
CA SER C 79 9.27 -2.34 10.40
C SER C 79 9.65 -2.02 8.97
N LEU C 80 9.06 -2.68 7.94
CA LEU C 80 9.37 -2.39 6.54
C LEU C 80 8.71 -1.12 6.06
N ILE C 81 7.46 -0.92 6.50
CA ILE C 81 6.69 0.23 6.12
C ILE C 81 7.16 1.46 6.89
N GLY C 82 7.55 1.28 8.15
CA GLY C 82 7.90 2.40 9.03
C GLY C 82 6.69 2.94 9.79
N PHE C 83 5.52 2.29 9.60
CA PHE C 83 4.25 2.72 10.15
C PHE C 83 3.48 1.52 10.67
N SER C 84 2.98 1.63 11.93
CA SER C 84 1.94 0.72 12.39
C SER C 84 0.60 1.03 11.73
N VAL C 85 -0.36 0.13 11.83
CA VAL C 85 -1.73 0.42 11.41
C VAL C 85 -2.26 1.64 12.17
N PRO C 86 -2.17 1.77 13.51
CA PRO C 86 -2.58 3.03 14.16
C PRO C 86 -1.91 4.27 13.57
N GLU C 87 -0.61 4.17 13.26
CA GLU C 87 0.08 5.33 12.70
C GLU C 87 -0.42 5.63 11.30
N MET C 88 -0.71 4.59 10.53
CA MET C 88 -1.30 4.77 9.22
C MET C 88 -2.63 5.49 9.33
N LYS C 89 -3.49 5.08 10.28
CA LYS C 89 -4.79 5.75 10.40
C LYS C 89 -4.60 7.21 10.79
N GLN C 90 -3.70 7.47 11.75
CA GLN C 90 -3.48 8.83 12.17
C GLN C 90 -2.95 9.66 11.00
N SER C 91 -2.24 9.02 10.05
CA SER C 91 -1.55 9.78 9.02
C SER C 91 -2.56 10.23 7.99
N LYS C 92 -3.71 9.57 7.92
CA LYS C 92 -4.76 9.95 7.01
C LYS C 92 -5.26 11.34 7.34
N LYS C 93 -4.91 11.85 8.53
CA LYS C 93 -5.49 13.12 8.98
C LYS C 93 -4.56 14.30 8.69
N ASP C 94 -3.48 14.05 7.96
CA ASP C 94 -2.54 15.08 7.54
C ASP C 94 -1.90 14.64 6.22
N PRO C 95 -2.32 15.17 5.05
CA PRO C 95 -1.80 14.70 3.76
C PRO C 95 -0.28 14.60 3.63
N LEU C 96 0.49 15.47 4.28
CA LEU C 96 1.93 15.36 4.11
C LEU C 96 2.42 14.10 4.82
N GLN C 97 1.86 13.76 5.97
CA GLN C 97 2.33 12.58 6.66
C GLN C 97 1.72 11.34 6.01
N TYR C 98 0.57 11.44 5.36
CA TYR C 98 0.02 10.28 4.68
C TYR C 98 0.89 9.97 3.46
N GLN C 99 1.43 10.99 2.84
CA GLN C 99 2.37 10.85 1.74
C GLN C 99 3.62 10.11 2.23
N LYS C 100 4.07 10.34 3.47
CA LYS C 100 5.20 9.60 4.01
C LYS C 100 4.84 8.15 4.25
N PHE C 101 3.58 7.85 4.59
CA PHE C 101 3.14 6.47 4.70
C PHE C 101 3.19 5.78 3.33
N LEU C 102 2.72 6.46 2.27
CA LEU C 102 2.78 5.90 0.93
C LEU C 102 4.23 5.66 0.53
N GLU C 103 5.14 6.53 0.93
CA GLU C 103 6.55 6.32 0.68
C GLU C 103 6.99 5.07 1.42
N GLY C 104 6.57 4.95 2.68
CA GLY C 104 6.93 3.76 3.44
C GLY C 104 6.36 2.49 2.81
N LEU C 105 5.18 2.60 2.20
CA LEU C 105 4.54 1.47 1.54
C LEU C 105 5.31 1.04 0.28
N GLN C 106 5.82 1.99 -0.50
CA GLN C 106 6.61 1.68 -1.68
C GLN C 106 7.91 0.98 -1.30
N LYS C 107 8.57 1.46 -0.24
CA LYS C 107 9.79 0.84 0.28
C LYS C 107 9.46 -0.60 0.68
N CYS C 108 8.30 -0.82 1.30
CA CYS C 108 7.94 -2.16 1.70
C CYS C 108 7.66 -3.09 0.48
N GLN C 109 6.96 -2.59 -0.53
CA GLN C 109 6.70 -3.31 -1.78
CA GLN C 109 6.69 -3.34 -1.74
C GLN C 109 8.02 -3.76 -2.38
N ARG C 110 8.95 -2.81 -2.48
CA ARG C 110 10.28 -3.07 -2.99
C ARG C 110 11.01 -4.14 -2.15
N ASP C 111 10.90 -4.01 -0.80
CA ASP C 111 11.64 -4.90 0.09
C ASP C 111 11.07 -6.32 -0.04
N LEU C 112 9.76 -6.45 -0.29
CA LEU C 112 9.19 -7.78 -0.45
C LEU C 112 9.59 -8.40 -1.77
N ILE C 113 9.66 -7.57 -2.82
CA ILE C 113 10.17 -8.07 -4.08
C ILE C 113 11.60 -8.57 -3.96
N ASP C 114 12.47 -7.84 -3.22
CA ASP C 114 13.89 -8.14 -3.17
C ASP C 114 14.24 -9.13 -2.07
N LEU C 115 13.27 -9.50 -1.24
CA LEU C 115 13.64 -10.11 0.02
C LEU C 115 14.33 -11.43 -0.28
N CYS C 116 15.52 -11.64 0.30
CA CYS C 116 16.19 -12.93 0.20
C CYS C 116 17.08 -13.05 1.41
N CYS C 117 16.67 -13.88 2.36
CA CYS C 117 17.30 -13.82 3.66
C CYS C 117 16.95 -15.08 4.42
N LEU C 118 17.52 -15.16 5.61
CA LEU C 118 17.11 -16.17 6.58
C LEU C 118 15.77 -15.72 7.17
N MET C 119 14.82 -16.65 7.20
CA MET C 119 13.48 -16.48 7.71
C MET C 119 13.26 -17.53 8.79
N THR C 120 12.93 -17.06 10.00
CA THR C 120 12.40 -17.93 11.05
C THR C 120 10.91 -18.07 10.77
N ILE C 121 10.44 -19.30 10.63
CA ILE C 121 9.06 -19.54 10.28
C ILE C 121 8.47 -20.48 11.31
N SER C 122 7.17 -20.29 11.52
CA SER C 122 6.37 -21.16 12.36
C SER C 122 5.44 -21.95 11.46
N PHE C 123 5.74 -23.24 11.32
CA PHE C 123 5.05 -24.09 10.34
C PHE C 123 3.94 -24.86 11.02
N ASN C 124 2.73 -24.63 10.56
CA ASN C 124 1.58 -25.38 11.03
C ASN C 124 1.29 -26.57 10.13
N PRO C 125 1.64 -27.83 10.47
CA PRO C 125 1.36 -28.94 9.59
C PRO C 125 -0.13 -29.19 9.34
N SER C 126 -1.03 -28.80 10.24
CA SER C 126 -2.46 -28.94 9.98
C SER C 126 -2.89 -28.08 8.77
N LEU C 127 -2.39 -26.83 8.66
CA LEU C 127 -2.88 -25.92 7.64
C LEU C 127 -1.92 -25.79 6.45
N SER C 128 -0.91 -26.67 6.37
CA SER C 128 0.20 -26.58 5.42
C SER C 128 0.62 -25.15 5.08
N LYS C 129 0.76 -24.28 6.09
CA LYS C 129 1.34 -22.96 5.84
C LYS C 129 2.12 -22.52 7.09
N ALA C 130 2.75 -21.35 7.01
CA ALA C 130 3.57 -20.91 8.11
C ALA C 130 3.45 -19.41 8.39
N MET C 131 3.85 -18.98 9.57
CA MET C 131 4.00 -17.57 9.86
C MET C 131 5.48 -17.20 9.83
N VAL C 132 5.81 -16.09 9.19
CA VAL C 132 7.18 -15.62 9.25
C VAL C 132 7.29 -14.74 10.48
N LEU C 133 8.16 -15.16 11.44
CA LEU C 133 8.34 -14.54 12.74
C LEU C 133 9.43 -13.49 12.69
N ALA C 134 10.55 -13.83 12.00
CA ALA C 134 11.69 -12.91 11.93
C ALA C 134 12.47 -13.04 10.63
N LEU C 135 13.12 -11.93 10.21
CA LEU C 135 13.99 -11.95 9.05
C LEU C 135 15.41 -11.70 9.53
N GLN C 136 16.42 -12.33 8.94
CA GLN C 136 17.80 -12.11 9.37
C GLN C 136 18.74 -12.17 8.17
N ASP C 137 19.76 -11.26 8.17
CA ASP C 137 20.74 -11.22 7.11
C ASP C 137 21.81 -12.28 7.40
N VAL C 138 22.50 -12.71 6.35
CA VAL C 138 23.57 -13.68 6.55
C VAL C 138 24.82 -12.99 7.04
N ASN C 139 25.61 -13.70 7.82
CA ASN C 139 26.87 -13.15 8.26
C ASN C 139 27.96 -14.23 8.16
N MET C 140 29.19 -13.88 8.60
CA MET C 140 30.34 -14.74 8.46
C MET C 140 30.15 -16.03 9.26
N GLU C 141 29.42 -15.98 10.39
CA GLU C 141 29.17 -17.18 11.15
C GLU C 141 28.35 -18.16 10.34
N HIS C 142 27.34 -17.64 9.61
CA HIS C 142 26.58 -18.52 8.74
C HIS C 142 27.52 -19.21 7.76
N LEU C 143 28.40 -18.44 7.11
CA LEU C 143 29.34 -19.00 6.15
C LEU C 143 30.14 -20.12 6.83
N GLU C 144 30.75 -19.84 7.99
CA GLU C 144 31.56 -20.82 8.67
C GLU C 144 30.72 -22.06 8.99
N ASN C 145 29.47 -21.88 9.48
CA ASN C 145 28.64 -23.05 9.82
C ASN C 145 28.37 -23.97 8.61
N LEU C 146 28.20 -23.34 7.43
CA LEU C 146 27.88 -24.03 6.21
C LEU C 146 29.11 -24.79 5.73
N LYS C 147 30.27 -24.14 5.79
CA LYS C 147 31.51 -24.82 5.47
C LYS C 147 31.73 -26.02 6.36
N LYS C 148 31.47 -25.89 7.65
CA LYS C 148 31.69 -26.99 8.59
C LYS C 148 30.73 -28.12 8.32
N ARG C 149 29.46 -27.78 8.05
CA ARG C 149 28.44 -28.77 7.73
C ARG C 149 28.83 -29.52 6.47
N LEU C 150 29.40 -28.83 5.46
CA LEU C 150 29.83 -29.51 4.24
C LEU C 150 31.17 -30.26 4.37
N ASN C 151 31.84 -30.13 5.52
CA ASN C 151 33.18 -30.63 5.74
C ASN C 151 34.16 -30.07 4.69
N LYS C 152 34.07 -28.76 4.42
CA LYS C 152 34.89 -28.09 3.44
C LYS C 152 35.93 -27.29 4.23
N UNK D 1 -4.51 -11.63 -8.08
CA UNK D 1 -4.19 -11.48 -6.63
C UNK D 1 -4.10 -12.87 -6.01
N GLY D 2 -5.13 -15.66 -8.95
CA GLY D 2 -4.42 -15.22 -10.17
C GLY D 2 -3.11 -15.99 -10.47
N VAL D 3 -2.28 -16.39 -9.46
CA VAL D 3 -0.87 -16.79 -9.64
C VAL D 3 -0.75 -18.22 -10.18
N ARG D 4 0.34 -18.44 -10.89
CA ARG D 4 0.60 -19.68 -11.60
C ARG D 4 2.11 -19.92 -11.60
N LEU D 5 2.50 -21.05 -11.02
CA LEU D 5 3.90 -21.23 -10.68
C LEU D 5 4.50 -22.41 -11.45
N PRO D 6 5.82 -22.44 -11.68
CA PRO D 6 6.45 -23.62 -12.20
C PRO D 6 6.07 -24.86 -11.40
N ARG D 7 5.99 -25.99 -12.11
CA ARG D 7 5.66 -27.29 -11.59
C ARG D 7 6.51 -27.62 -10.38
N SER D 8 7.81 -27.36 -10.42
CA SER D 8 8.64 -27.77 -9.31
C SER D 8 9.48 -26.59 -8.82
N PRO D 9 10.11 -26.71 -7.65
CA PRO D 9 10.72 -25.57 -6.98
C PRO D 9 12.02 -25.15 -7.62
N PRO D 10 12.45 -23.90 -7.51
CA PRO D 10 13.67 -23.43 -8.17
C PRO D 10 14.94 -24.03 -7.55
N LEU D 11 15.43 -25.11 -8.12
CA LEU D 11 16.66 -25.73 -7.68
C LEU D 11 17.85 -24.78 -7.78
N LYS D 12 18.72 -24.75 -6.75
CA LYS D 12 19.93 -23.95 -6.82
C LYS D 12 20.99 -24.63 -7.69
N VAL D 13 21.55 -23.88 -8.64
CA VAL D 13 22.56 -24.45 -9.54
C VAL D 13 23.61 -23.44 -9.94
N LEU D 14 24.73 -24.03 -10.35
CA LEU D 14 25.80 -23.33 -11.04
C LEU D 14 25.73 -23.55 -12.55
N ALA D 15 26.11 -22.51 -13.29
CA ALA D 15 26.30 -22.55 -14.74
C ALA D 15 26.96 -23.85 -15.21
N GLU D 16 28.13 -24.21 -14.66
CA GLU D 16 28.82 -25.43 -15.07
C GLU D 16 27.91 -26.66 -14.92
N GLN D 17 27.06 -26.69 -13.88
CA GLN D 17 26.24 -27.87 -13.68
C GLN D 17 25.25 -28.00 -14.83
N LEU D 18 24.67 -26.89 -15.25
CA LEU D 18 23.77 -26.92 -16.39
C LEU D 18 24.59 -27.29 -17.64
N ARG D 19 25.68 -26.56 -17.89
CA ARG D 19 26.47 -26.71 -19.10
C ARG D 19 26.89 -28.16 -19.30
N ARG D 20 27.14 -28.91 -18.22
CA ARG D 20 27.74 -30.23 -18.37
C ARG D 20 26.85 -31.39 -17.93
N ASP D 21 25.83 -31.15 -17.10
CA ASP D 21 25.06 -32.25 -16.52
C ASP D 21 23.62 -32.27 -16.98
N ALA D 22 23.16 -31.18 -17.61
CA ALA D 22 21.80 -31.13 -18.11
C ALA D 22 21.68 -32.03 -19.33
N GLU D 23 20.50 -32.63 -19.48
CA GLU D 23 20.21 -33.63 -20.49
C GLU D 23 18.69 -33.64 -20.57
N GLY D 24 18.13 -34.38 -21.54
CA GLY D 24 16.80 -34.05 -22.05
C GLY D 24 16.95 -32.79 -22.90
N GLY D 25 15.87 -32.04 -23.01
CA GLY D 25 15.86 -30.91 -23.93
C GLY D 25 14.80 -29.91 -23.51
N PRO D 26 14.55 -28.86 -24.33
CA PRO D 26 13.54 -27.85 -23.99
C PRO D 26 12.29 -28.43 -23.34
N GLY D 27 11.95 -27.93 -22.13
CA GLY D 27 10.76 -28.30 -21.41
C GLY D 27 10.78 -29.69 -20.81
N ALA D 28 11.92 -30.39 -20.86
CA ALA D 28 12.11 -31.65 -20.16
C ALA D 28 13.57 -31.75 -19.72
N TRP D 29 14.05 -30.67 -19.09
CA TRP D 29 15.43 -30.57 -18.65
C TRP D 29 15.55 -31.28 -17.32
N ARG D 30 16.60 -32.08 -17.22
CA ARG D 30 16.94 -32.72 -15.99
C ARG D 30 18.43 -32.50 -15.77
N LEU D 31 18.81 -32.51 -14.50
CA LEU D 31 20.20 -32.51 -14.12
C LEU D 31 20.67 -33.91 -13.76
N SER D 32 21.68 -34.41 -14.50
CA SER D 32 22.27 -35.71 -14.25
C SER D 32 23.01 -35.68 -12.91
N ARG D 33 22.80 -36.72 -12.11
CA ARG D 33 23.55 -37.03 -10.92
C ARG D 33 24.06 -38.47 -11.08
N ALA D 34 24.45 -38.85 -12.32
CA ALA D 34 25.00 -40.16 -12.59
C ALA D 34 26.30 -40.30 -11.80
N ALA D 35 27.06 -39.19 -11.74
CA ALA D 35 28.30 -39.07 -11.00
C ALA D 35 28.14 -39.33 -9.50
N ALA D 36 27.05 -38.87 -8.87
CA ALA D 36 26.79 -39.18 -7.47
C ALA D 36 26.05 -40.52 -7.34
N GLY D 37 25.81 -41.22 -8.45
CA GLY D 37 25.00 -42.43 -8.47
C GLY D 37 23.60 -42.23 -7.86
N ARG D 38 22.88 -41.20 -8.35
CA ARG D 38 21.55 -40.84 -7.88
C ARG D 38 20.68 -40.47 -9.07
N GLY D 39 19.36 -40.39 -8.82
CA GLY D 39 18.37 -40.12 -9.84
C GLY D 39 18.40 -38.67 -10.33
N PRO D 40 17.98 -38.44 -11.60
CA PRO D 40 17.88 -37.10 -12.18
C PRO D 40 17.13 -36.06 -11.36
N LEU D 41 17.56 -34.79 -11.40
CA LEU D 41 16.77 -33.70 -10.83
C LEU D 41 16.05 -32.93 -11.92
N ASP D 42 14.89 -32.39 -11.54
CA ASP D 42 14.07 -31.62 -12.44
C ASP D 42 14.68 -30.22 -12.57
N LEU D 43 14.69 -29.67 -13.79
CA LEU D 43 15.14 -28.30 -14.01
C LEU D 43 14.02 -27.38 -14.58
N ALA D 44 12.76 -27.82 -14.38
CA ALA D 44 11.56 -26.98 -14.48
C ALA D 44 11.74 -25.53 -14.00
N ALA D 45 12.43 -25.34 -12.88
CA ALA D 45 12.76 -24.01 -12.41
C ALA D 45 14.15 -24.02 -11.77
N VAL D 46 14.87 -22.90 -11.82
CA VAL D 46 16.14 -22.85 -11.12
C VAL D 46 16.32 -21.50 -10.41
N TRP D 47 17.17 -21.58 -9.42
CA TRP D 47 17.67 -20.47 -8.65
C TRP D 47 19.16 -20.39 -8.91
N MET D 48 19.61 -19.26 -9.44
CA MET D 48 20.99 -19.07 -9.84
C MET D 48 21.41 -17.68 -9.34
N GLN D 49 22.71 -17.45 -9.15
CA GLN D 49 23.15 -16.15 -8.68
C GLN D 49 24.43 -15.79 -9.39
N GLY D 50 24.68 -14.48 -9.53
CA GLY D 50 25.97 -14.08 -10.08
C GLY D 50 26.10 -12.56 -10.15
N ARG D 51 27.28 -12.17 -10.61
CA ARG D 51 27.58 -10.82 -10.99
C ARG D 51 27.04 -10.59 -12.38
N VAL D 52 26.38 -9.46 -12.56
CA VAL D 52 25.96 -9.01 -13.86
C VAL D 52 27.22 -8.59 -14.63
N VAL D 53 27.44 -9.17 -15.79
CA VAL D 53 28.53 -8.72 -16.66
C VAL D 53 27.98 -7.81 -17.75
N MET D 54 26.84 -8.21 -18.31
CA MET D 54 26.21 -7.37 -19.32
C MET D 54 24.72 -7.30 -19.01
N ALA D 55 24.16 -6.11 -19.19
CA ALA D 55 22.72 -5.90 -19.12
C ALA D 55 22.27 -5.05 -20.30
N ASP D 56 21.24 -5.51 -21.01
CA ASP D 56 20.96 -4.98 -22.34
C ASP D 56 19.46 -5.14 -22.57
N ARG D 57 18.71 -4.09 -22.22
CA ARG D 57 17.26 -4.14 -22.16
C ARG D 57 16.87 -5.30 -21.23
N GLY D 58 16.29 -6.37 -21.82
CA GLY D 58 15.71 -7.53 -21.18
C GLY D 58 16.60 -8.77 -21.15
N GLU D 59 17.82 -8.67 -21.71
CA GLU D 59 18.80 -9.76 -21.55
C GLU D 59 19.88 -9.33 -20.55
N ALA D 60 20.46 -10.33 -19.89
CA ALA D 60 21.65 -10.09 -19.09
C ALA D 60 22.58 -11.29 -19.25
N ARG D 61 23.87 -11.05 -19.09
CA ARG D 61 24.82 -12.14 -18.90
C ARG D 61 25.35 -12.01 -17.50
N LEU D 62 25.49 -13.15 -16.82
CA LEU D 62 25.88 -13.16 -15.43
C LEU D 62 27.02 -14.14 -15.25
N ARG D 63 27.88 -13.89 -14.24
CA ARG D 63 29.02 -14.73 -13.93
C ARG D 63 28.89 -15.23 -12.49
N ASP D 64 28.81 -16.54 -12.31
CA ASP D 64 28.87 -17.20 -11.02
C ASP D 64 30.26 -17.81 -10.92
N PRO D 65 30.69 -18.36 -9.77
CA PRO D 65 32.04 -18.95 -9.67
C PRO D 65 32.39 -20.04 -10.65
N SER D 66 31.37 -20.64 -11.29
CA SER D 66 31.62 -21.72 -12.23
C SER D 66 31.61 -21.27 -13.68
N GLY D 67 31.21 -20.03 -13.99
CA GLY D 67 31.05 -19.68 -15.39
C GLY D 67 29.89 -18.72 -15.67
N ASP D 68 29.69 -18.45 -16.96
CA ASP D 68 28.72 -17.47 -17.40
C ASP D 68 27.44 -18.13 -17.87
N PHE D 69 26.34 -17.36 -17.72
CA PHE D 69 25.03 -17.77 -18.18
C PHE D 69 24.23 -16.54 -18.58
N SER D 70 23.25 -16.77 -19.44
CA SER D 70 22.45 -15.65 -19.90
C SER D 70 21.00 -15.75 -19.39
N VAL D 71 20.35 -14.61 -19.34
CA VAL D 71 19.01 -14.54 -18.80
C VAL D 71 18.20 -13.63 -19.70
N ARG D 72 17.05 -14.15 -20.15
CA ARG D 72 16.20 -13.40 -21.05
C ARG D 72 14.90 -13.07 -20.32
N GLY D 73 14.16 -12.12 -20.89
CA GLY D 73 12.80 -11.83 -20.51
C GLY D 73 12.71 -10.95 -19.26
N LEU D 74 13.76 -10.17 -18.99
CA LEU D 74 13.80 -9.42 -17.76
C LEU D 74 12.89 -8.21 -17.80
N GLU D 75 12.40 -7.80 -18.94
CA GLU D 75 11.49 -6.67 -18.99
C GLU D 75 10.15 -7.05 -18.32
N ARG D 76 9.91 -8.32 -18.01
CA ARG D 76 8.60 -8.75 -17.54
C ARG D 76 8.56 -9.12 -16.05
N VAL D 77 9.69 -9.07 -15.36
CA VAL D 77 9.74 -9.55 -13.98
C VAL D 77 9.51 -8.38 -13.02
N PRO D 78 9.16 -8.67 -11.77
CA PRO D 78 9.01 -7.62 -10.76
C PRO D 78 10.27 -6.78 -10.56
N ARG D 79 10.09 -5.46 -10.51
CA ARG D 79 11.21 -4.53 -10.43
C ARG D 79 11.35 -4.01 -9.03
N GLY D 80 12.32 -4.56 -8.30
CA GLY D 80 12.68 -4.08 -6.99
C GLY D 80 13.81 -3.06 -7.10
N ARG D 81 14.81 -3.15 -6.21
CA ARG D 81 15.97 -2.29 -6.29
C ARG D 81 16.57 -2.49 -7.69
N PRO D 82 16.92 -1.43 -8.43
CA PRO D 82 17.52 -1.55 -9.74
C PRO D 82 18.87 -2.25 -9.63
N CYS D 83 19.01 -3.32 -10.41
CA CYS D 83 20.22 -4.12 -10.33
C CYS D 83 20.63 -4.67 -11.70
N LEU D 84 20.13 -4.10 -12.81
CA LEU D 84 20.58 -4.47 -14.14
C LEU D 84 21.66 -3.49 -14.53
N VAL D 85 22.78 -3.56 -13.81
CA VAL D 85 23.95 -2.69 -14.01
C VAL D 85 25.16 -3.62 -13.91
N PRO D 86 26.16 -3.58 -14.79
CA PRO D 86 27.32 -4.44 -14.62
C PRO D 86 27.92 -4.20 -13.23
N GLY D 87 28.27 -5.27 -12.52
CA GLY D 87 28.88 -5.10 -11.21
C GLY D 87 27.94 -5.54 -10.08
N LYS D 88 26.63 -5.56 -10.31
CA LYS D 88 25.72 -5.99 -9.29
C LYS D 88 25.73 -7.49 -9.11
N TYR D 89 25.48 -7.90 -7.86
CA TYR D 89 25.32 -9.29 -7.50
C TYR D 89 23.83 -9.53 -7.28
N VAL D 90 23.26 -10.54 -7.93
CA VAL D 90 21.82 -10.68 -8.07
C VAL D 90 21.44 -12.14 -8.04
N MET D 91 20.20 -12.42 -7.63
CA MET D 91 19.69 -13.78 -7.77
C MET D 91 18.66 -13.76 -8.89
N VAL D 92 18.51 -14.94 -9.52
CA VAL D 92 17.56 -15.11 -10.59
C VAL D 92 16.80 -16.38 -10.28
N MET D 93 15.48 -16.25 -10.30
CA MET D 93 14.67 -17.45 -10.50
C MET D 93 14.37 -17.52 -12.00
N GLY D 94 14.66 -18.66 -12.62
CA GLY D 94 14.31 -18.79 -14.02
C GLY D 94 13.92 -20.22 -14.42
N VAL D 95 13.56 -20.32 -15.70
CA VAL D 95 13.40 -21.60 -16.34
C VAL D 95 14.54 -21.76 -17.35
N VAL D 96 15.05 -22.98 -17.45
CA VAL D 96 16.16 -23.29 -18.33
C VAL D 96 15.67 -23.41 -19.78
N GLN D 97 16.27 -22.63 -20.68
CA GLN D 97 16.01 -22.66 -22.10
C GLN D 97 17.09 -23.46 -22.86
N ALA D 98 18.36 -23.14 -22.60
CA ALA D 98 19.47 -23.87 -23.23
C ALA D 98 20.59 -24.07 -22.21
N CYS D 99 21.44 -25.08 -22.45
CA CYS D 99 22.51 -25.44 -21.55
C CYS D 99 23.89 -25.27 -22.17
N SER D 100 23.97 -25.18 -23.51
CA SER D 100 25.24 -24.97 -24.20
C SER D 100 25.06 -24.01 -25.38
N PRO D 101 26.14 -23.35 -25.87
CA PRO D 101 27.46 -23.35 -25.19
C PRO D 101 27.46 -22.70 -23.81
N GLU D 102 26.53 -21.75 -23.61
CA GLU D 102 26.31 -21.08 -22.35
C GLU D 102 24.86 -21.32 -21.92
N PRO D 103 24.58 -21.68 -20.66
CA PRO D 103 23.21 -21.79 -20.18
C PRO D 103 22.43 -20.49 -20.41
N CYS D 104 21.17 -20.64 -20.81
CA CYS D 104 20.24 -19.54 -20.89
C CYS D 104 18.99 -19.81 -20.04
N LEU D 105 18.52 -18.79 -19.33
CA LEU D 105 17.29 -18.90 -18.57
C LEU D 105 16.26 -17.94 -19.13
N GLN D 106 14.98 -18.33 -19.04
CA GLN D 106 13.91 -17.34 -19.09
C GLN D 106 13.65 -16.89 -17.66
N ALA D 107 13.66 -15.57 -17.46
CA ALA D 107 13.61 -15.02 -16.11
C ALA D 107 12.17 -15.06 -15.59
N VAL D 108 12.06 -15.40 -14.29
CA VAL D 108 10.83 -15.28 -13.53
C VAL D 108 10.98 -14.19 -12.47
N LYS D 109 12.10 -14.20 -11.71
CA LYS D 109 12.49 -12.98 -11.00
C LYS D 109 13.98 -12.72 -11.13
N MET D 110 14.33 -11.45 -10.97
CA MET D 110 15.72 -11.12 -10.74
C MET D 110 15.77 -10.00 -9.73
N THR D 111 16.55 -10.17 -8.65
CA THR D 111 16.60 -9.19 -7.56
C THR D 111 18.02 -8.99 -7.04
N ASP D 112 18.31 -7.76 -6.62
CA ASP D 112 19.60 -7.31 -6.11
C ASP D 112 19.98 -8.07 -4.84
N LEU D 113 21.25 -8.48 -4.75
CA LEU D 113 21.84 -9.04 -3.54
C LEU D 113 23.14 -8.34 -3.24
N SER D 114 23.24 -7.13 -3.71
CA SER D 114 24.53 -6.46 -3.68
C SER D 114 24.89 -5.91 -2.31
N ASP D 115 23.90 -5.63 -1.46
CA ASP D 115 24.10 -4.79 -0.28
C ASP D 115 24.76 -5.57 0.87
N ASN D 116 24.86 -6.89 0.74
CA ASN D 116 25.68 -7.67 1.65
C ASN D 116 26.55 -8.66 0.90
N PRO D 117 27.86 -8.38 0.79
CA PRO D 117 28.82 -9.26 0.12
C PRO D 117 28.80 -10.73 0.57
N ILE D 118 28.22 -11.02 1.74
CA ILE D 118 28.35 -12.37 2.26
C ILE D 118 27.42 -13.32 1.52
N HIS D 119 26.37 -12.80 0.88
CA HIS D 119 25.59 -13.66 -0.01
C HIS D 119 26.51 -14.30 -1.06
N GLU D 120 27.33 -13.47 -1.70
CA GLU D 120 28.21 -13.98 -2.75
C GLU D 120 29.20 -15.01 -2.19
N SER D 121 29.76 -14.77 -0.98
CA SER D 121 30.68 -15.74 -0.37
C SER D 121 30.02 -17.09 -0.14
N MET D 122 28.70 -17.10 0.04
CA MET D 122 28.01 -18.31 0.46
C MET D 122 27.49 -19.13 -0.71
N TRP D 123 27.27 -18.49 -1.84
CA TRP D 123 26.46 -19.07 -2.89
C TRP D 123 26.93 -20.47 -3.33
N GLU D 124 28.23 -20.65 -3.62
CA GLU D 124 28.68 -21.93 -4.11
C GLU D 124 28.46 -23.00 -3.06
N LEU D 125 28.73 -22.67 -1.79
CA LEU D 125 28.49 -23.61 -0.71
C LEU D 125 27.00 -23.91 -0.61
N GLU D 126 26.13 -22.92 -0.84
CA GLU D 126 24.70 -23.11 -0.77
C GLU D 126 24.25 -24.12 -1.82
N VAL D 127 24.78 -24.01 -3.04
CA VAL D 127 24.42 -24.96 -4.08
C VAL D 127 24.80 -26.36 -3.64
N GLU D 128 26.02 -26.51 -3.11
CA GLU D 128 26.49 -27.82 -2.78
C GLU D 128 25.69 -28.38 -1.60
N ASP D 129 25.30 -27.53 -0.66
CA ASP D 129 24.67 -28.02 0.55
C ASP D 129 23.26 -28.46 0.19
N LEU D 130 22.60 -27.68 -0.66
CA LEU D 130 21.24 -28.03 -1.09
C LEU D 130 21.31 -29.36 -1.86
N HIS D 131 22.25 -29.48 -2.79
CA HIS D 131 22.34 -30.72 -3.55
C HIS D 131 22.48 -31.91 -2.62
N ARG D 132 23.21 -31.77 -1.51
CA ARG D 132 23.45 -32.91 -0.63
C ARG D 132 22.19 -33.35 0.10
N ASN D 133 21.17 -32.48 0.21
CA ASN D 133 20.00 -32.75 1.03
C ASN D 133 18.77 -33.13 0.19
N ILE D 134 18.95 -33.29 -1.12
CA ILE D 134 17.93 -33.88 -1.97
C ILE D 134 18.23 -35.35 -2.19
N PRO D 135 17.26 -36.25 -1.88
CA PRO D 135 17.51 -37.69 -1.92
C PRO D 135 17.70 -38.28 -3.34
N UNK E 1 -35.18 -43.75 -1.94
CA UNK E 1 -35.52 -44.89 -2.87
C UNK E 1 -35.20 -44.47 -4.32
N ILE E 2 -37.73 -42.13 -4.47
CA ILE E 2 -38.26 -40.84 -3.95
C ILE E 2 -37.20 -39.75 -3.78
N ALA E 3 -35.90 -40.04 -3.59
CA ALA E 3 -34.90 -38.97 -3.53
C ALA E 3 -34.92 -38.19 -4.84
N MET E 4 -34.62 -36.90 -4.85
CA MET E 4 -34.86 -36.02 -5.99
C MET E 4 -33.78 -36.17 -7.07
N ASP E 5 -34.26 -36.36 -8.31
CA ASP E 5 -33.60 -36.46 -9.61
C ASP E 5 -33.00 -35.11 -10.01
N LEU E 6 -31.87 -35.09 -10.72
CA LEU E 6 -31.19 -33.82 -11.00
C LEU E 6 -31.85 -33.03 -12.14
N TYR E 7 -32.85 -33.62 -12.80
CA TYR E 7 -33.62 -32.94 -13.83
C TYR E 7 -35.03 -32.52 -13.38
N SER E 8 -35.36 -32.61 -12.08
CA SER E 8 -36.71 -32.36 -11.65
C SER E 8 -37.02 -30.86 -11.69
N PRO E 9 -38.02 -30.44 -12.49
CA PRO E 9 -38.42 -29.06 -12.57
C PRO E 9 -39.20 -28.64 -11.33
N PRO E 10 -39.23 -27.34 -11.00
CA PRO E 10 -38.58 -26.32 -11.81
C PRO E 10 -37.09 -26.07 -11.55
N PHE E 11 -36.53 -26.68 -10.50
CA PHE E 11 -35.13 -26.51 -10.12
C PHE E 11 -34.80 -27.56 -9.10
N VAL E 12 -33.49 -27.79 -8.89
CA VAL E 12 -33.02 -28.74 -7.91
C VAL E 12 -32.24 -27.98 -6.85
N TYR E 13 -31.59 -28.70 -5.95
CA TYR E 13 -30.80 -28.07 -4.89
C TYR E 13 -29.32 -28.48 -4.98
N LEU E 14 -28.45 -27.59 -4.50
CA LEU E 14 -27.03 -27.86 -4.48
C LEU E 14 -26.74 -28.99 -3.54
N SER E 15 -27.45 -29.03 -2.41
CA SER E 15 -27.17 -30.09 -1.48
C SER E 15 -27.53 -31.43 -2.11
N VAL E 16 -28.54 -31.46 -2.96
CA VAL E 16 -28.90 -32.71 -3.61
C VAL E 16 -27.85 -33.10 -4.65
N LEU E 17 -27.33 -32.09 -5.36
CA LEU E 17 -26.28 -32.34 -6.33
C LEU E 17 -25.09 -33.01 -5.64
N MET E 18 -24.66 -32.45 -4.50
CA MET E 18 -23.42 -32.87 -3.85
C MET E 18 -23.58 -34.29 -3.37
N ALA E 19 -24.74 -34.57 -2.78
CA ALA E 19 -25.00 -35.89 -2.21
C ALA E 19 -25.02 -36.98 -3.30
N SER E 20 -25.35 -36.63 -4.56
CA SER E 20 -25.33 -37.57 -5.66
C SER E 20 -23.91 -37.99 -6.05
N LYS E 21 -22.91 -37.25 -5.55
CA LYS E 21 -21.47 -37.52 -5.66
C LYS E 21 -21.08 -37.72 -7.12
N PRO E 22 -21.23 -36.66 -7.93
CA PRO E 22 -21.06 -36.76 -9.38
C PRO E 22 -19.59 -36.91 -9.73
N LYS E 23 -19.34 -37.85 -10.67
CA LYS E 23 -18.02 -38.13 -11.19
C LYS E 23 -17.64 -37.19 -12.32
N GLU E 24 -18.59 -36.61 -13.06
CA GLU E 24 -18.29 -35.80 -14.25
C GLU E 24 -18.86 -34.42 -14.05
N VAL E 25 -18.45 -33.46 -14.86
CA VAL E 25 -19.08 -32.16 -14.87
C VAL E 25 -20.58 -32.32 -15.15
N THR E 26 -21.40 -31.61 -14.36
CA THR E 26 -22.85 -31.79 -14.33
C THR E 26 -23.57 -30.45 -14.47
N THR E 27 -24.52 -30.39 -15.41
CA THR E 27 -25.41 -29.26 -15.56
C THR E 27 -26.61 -29.47 -14.67
N VAL E 28 -26.99 -28.47 -13.87
CA VAL E 28 -28.24 -28.47 -13.12
C VAL E 28 -28.75 -27.04 -13.12
N LYS E 29 -30.01 -26.90 -12.72
CA LYS E 29 -30.62 -25.60 -12.63
C LYS E 29 -31.01 -25.43 -11.17
N VAL E 30 -30.68 -24.26 -10.59
CA VAL E 30 -31.03 -24.00 -9.20
C VAL E 30 -31.61 -22.60 -9.09
N LYS E 31 -32.38 -22.35 -8.00
CA LYS E 31 -32.79 -20.98 -7.77
C LYS E 31 -31.86 -20.42 -6.70
N ALA E 32 -31.18 -19.33 -7.08
CA ALA E 32 -30.08 -18.83 -6.28
C ALA E 32 -29.89 -17.33 -6.41
N PHE E 33 -29.20 -16.78 -5.40
CA PHE E 33 -28.74 -15.39 -5.43
C PHE E 33 -27.24 -15.34 -5.11
N ILE E 34 -26.63 -14.18 -5.38
CA ILE E 34 -25.22 -13.98 -5.03
C ILE E 34 -25.13 -13.46 -3.61
N VAL E 35 -24.46 -14.25 -2.76
CA VAL E 35 -24.20 -13.85 -1.39
C VAL E 35 -23.13 -12.78 -1.32
N THR E 36 -22.00 -13.03 -2.04
CA THR E 36 -20.93 -12.08 -2.22
C THR E 36 -20.20 -12.36 -3.52
N LEU E 37 -19.66 -11.32 -4.16
CA LEU E 37 -18.60 -11.46 -5.16
C LEU E 37 -17.31 -11.89 -4.44
N THR E 38 -16.40 -12.54 -5.21
CA THR E 38 -15.13 -13.01 -4.67
C THR E 38 -13.95 -12.59 -5.53
N GLY E 39 -14.13 -11.66 -6.47
CA GLY E 39 -13.02 -11.10 -7.23
C GLY E 39 -13.51 -9.86 -7.97
N ASN E 40 -12.61 -9.13 -8.63
CA ASN E 40 -13.05 -8.02 -9.44
C ASN E 40 -13.54 -8.51 -10.79
N LEU E 41 -14.29 -7.63 -11.44
CA LEU E 41 -14.60 -7.82 -12.83
C LEU E 41 -13.28 -7.85 -13.58
N SER E 42 -13.10 -8.86 -14.41
CA SER E 42 -11.90 -9.04 -15.21
C SER E 42 -12.22 -8.98 -16.70
N SER E 43 -11.32 -8.36 -17.48
CA SER E 43 -11.41 -8.39 -18.94
C SER E 43 -10.25 -9.18 -19.53
N SER E 44 -9.58 -9.95 -18.70
CA SER E 44 -8.40 -10.59 -19.26
C SER E 44 -8.82 -11.68 -20.25
N GLY E 45 -8.06 -11.79 -21.35
CA GLY E 45 -8.32 -12.76 -22.40
C GLY E 45 -9.35 -12.26 -23.41
N GLY E 46 -9.75 -11.00 -23.26
CA GLY E 46 -10.70 -10.44 -24.18
C GLY E 46 -12.15 -10.75 -23.79
N ILE E 47 -12.36 -11.38 -22.62
CA ILE E 47 -13.70 -11.63 -22.14
C ILE E 47 -13.90 -11.11 -20.72
N TRP E 48 -15.17 -10.98 -20.38
CA TRP E 48 -15.56 -10.58 -19.03
C TRP E 48 -15.57 -11.83 -18.18
N SER E 49 -15.06 -11.70 -16.96
CA SER E 49 -15.28 -12.74 -15.98
C SER E 49 -15.36 -12.16 -14.56
N ILE E 50 -15.98 -12.92 -13.65
CA ILE E 50 -16.07 -12.50 -12.25
C ILE E 50 -16.45 -13.71 -11.43
N THR E 51 -15.86 -13.91 -10.26
CA THR E 51 -16.17 -15.03 -9.40
C THR E 51 -17.12 -14.59 -8.28
N ALA E 52 -17.90 -15.56 -7.76
CA ALA E 52 -18.86 -15.28 -6.72
C ALA E 52 -19.16 -16.52 -5.89
N LYS E 53 -19.76 -16.29 -4.69
CA LYS E 53 -20.39 -17.34 -3.92
C LYS E 53 -21.90 -17.16 -3.99
N VAL E 54 -22.60 -18.21 -4.45
CA VAL E 54 -24.05 -18.19 -4.55
C VAL E 54 -24.60 -19.14 -3.50
N SER E 55 -25.89 -18.95 -3.19
CA SER E 55 -26.61 -19.91 -2.37
C SER E 55 -28.01 -20.13 -2.90
N ASP E 56 -28.47 -21.38 -2.75
CA ASP E 56 -29.81 -21.78 -3.08
C ASP E 56 -30.59 -22.06 -1.77
N GLY E 57 -29.95 -21.79 -0.62
CA GLY E 57 -30.54 -22.01 0.69
C GLY E 57 -30.21 -23.38 1.29
N THR E 58 -29.50 -24.20 0.52
CA THR E 58 -29.13 -25.54 0.96
C THR E 58 -27.61 -25.71 1.03
N ALA E 59 -26.84 -24.86 0.31
CA ALA E 59 -25.39 -24.85 0.35
C ALA E 59 -24.83 -23.51 -0.22
N TYR E 60 -23.54 -23.25 0.03
CA TYR E 60 -22.83 -22.20 -0.71
C TYR E 60 -22.02 -22.81 -1.85
N LEU E 61 -21.80 -22.07 -2.95
CA LEU E 61 -21.08 -22.57 -4.13
C LEU E 61 -20.28 -21.44 -4.77
N ASP E 62 -18.96 -21.65 -4.93
CA ASP E 62 -18.17 -20.77 -5.78
C ASP E 62 -18.54 -20.94 -7.27
N VAL E 63 -18.68 -19.84 -7.99
CA VAL E 63 -19.03 -19.86 -9.38
C VAL E 63 -18.21 -18.82 -10.11
N ASP E 64 -18.04 -18.98 -11.42
CA ASP E 64 -17.57 -17.95 -12.34
C ASP E 64 -18.71 -17.69 -13.30
N PHE E 65 -18.87 -16.46 -13.76
CA PHE E 65 -19.89 -16.12 -14.72
C PHE E 65 -19.29 -16.04 -16.14
N VAL E 66 -20.07 -16.58 -17.12
CA VAL E 66 -19.61 -16.64 -18.52
C VAL E 66 -19.59 -15.23 -19.11
N ASP E 67 -18.71 -15.03 -20.10
CA ASP E 67 -18.64 -13.77 -20.83
C ASP E 67 -20.03 -13.33 -21.28
N GLU E 68 -20.86 -14.25 -21.79
CA GLU E 68 -22.14 -13.91 -22.41
C GLU E 68 -23.08 -13.18 -21.43
N ILE E 69 -23.17 -13.70 -20.22
CA ILE E 69 -24.01 -13.11 -19.20
C ILE E 69 -23.48 -11.73 -18.85
N LEU E 70 -22.16 -11.58 -18.66
CA LEU E 70 -21.67 -10.29 -18.26
C LEU E 70 -21.76 -9.27 -19.37
N THR E 71 -21.58 -9.71 -20.61
CA THR E 71 -21.77 -8.82 -21.74
C THR E 71 -23.21 -8.34 -21.73
N SER E 72 -24.18 -9.24 -21.44
CA SER E 72 -25.58 -8.85 -21.55
C SER E 72 -25.97 -7.91 -20.42
N LEU E 73 -25.35 -8.02 -19.23
CA LEU E 73 -25.65 -7.13 -18.08
C LEU E 73 -25.06 -5.73 -18.31
N ILE E 74 -23.82 -5.72 -18.82
CA ILE E 74 -23.09 -4.47 -18.99
C ILE E 74 -23.59 -3.77 -20.24
N GLY E 75 -23.96 -4.55 -21.29
CA GLY E 75 -24.38 -3.99 -22.59
C GLY E 75 -23.18 -3.77 -23.52
N PHE E 76 -22.00 -4.21 -23.06
CA PHE E 76 -20.75 -4.03 -23.76
C PHE E 76 -19.92 -5.31 -23.65
N SER E 77 -19.39 -5.76 -24.78
CA SER E 77 -18.28 -6.70 -24.77
C SER E 77 -16.98 -5.99 -24.35
N VAL E 78 -15.96 -6.78 -24.07
CA VAL E 78 -14.63 -6.23 -23.82
C VAL E 78 -14.16 -5.46 -25.06
N PRO E 79 -14.23 -5.96 -26.30
CA PRO E 79 -13.87 -5.14 -27.46
C PRO E 79 -14.63 -3.81 -27.52
N GLU E 80 -15.94 -3.85 -27.21
CA GLU E 80 -16.71 -2.62 -27.26
C GLU E 80 -16.27 -1.64 -26.17
N MET E 81 -15.94 -2.18 -25.00
CA MET E 81 -15.44 -1.36 -23.92
C MET E 81 -14.15 -0.68 -24.36
N LYS E 82 -13.23 -1.42 -24.99
CA LYS E 82 -11.96 -0.80 -25.40
C LYS E 82 -12.21 0.29 -26.44
N GLN E 83 -13.05 -0.01 -27.41
CA GLN E 83 -13.37 0.96 -28.43
C GLN E 83 -13.96 2.23 -27.82
N SER E 84 -14.70 2.06 -26.69
CA SER E 84 -15.49 3.16 -26.18
C SER E 84 -14.61 4.17 -25.49
N LYS E 85 -13.41 3.75 -25.11
CA LYS E 85 -12.47 4.66 -24.48
C LYS E 85 -12.12 5.80 -25.43
N LYS E 86 -12.43 5.63 -26.73
CA LYS E 86 -11.97 6.60 -27.72
C LYS E 86 -13.06 7.60 -28.09
N ASP E 87 -14.17 7.61 -27.32
CA ASP E 87 -15.32 8.46 -27.60
C ASP E 87 -16.07 8.70 -26.30
N PRO E 88 -15.91 9.86 -25.64
CA PRO E 88 -16.51 10.13 -24.33
C PRO E 88 -17.98 9.79 -24.20
N LEU E 89 -18.80 10.01 -25.22
CA LEU E 89 -20.23 9.74 -25.03
C LEU E 89 -20.44 8.24 -24.85
N GLN E 90 -19.71 7.45 -25.64
CA GLN E 90 -19.87 6.02 -25.63
C GLN E 90 -19.23 5.47 -24.36
N TYR E 91 -18.17 6.10 -23.88
CA TYR E 91 -17.53 5.57 -22.68
C TYR E 91 -18.44 5.83 -21.47
N GLN E 92 -19.18 6.92 -21.51
CA GLN E 92 -20.16 7.23 -20.50
C GLN E 92 -21.25 6.16 -20.47
N LYS E 93 -21.66 5.64 -21.63
CA LYS E 93 -22.65 4.56 -21.65
C LYS E 93 -22.06 3.28 -21.08
N PHE E 94 -20.75 3.05 -21.25
CA PHE E 94 -20.11 1.88 -20.68
C PHE E 94 -20.12 1.98 -19.16
N LEU E 95 -19.77 3.15 -18.62
CA LEU E 95 -19.80 3.35 -17.18
C LEU E 95 -21.22 3.13 -16.63
N GLU E 96 -22.21 3.60 -17.39
CA GLU E 96 -23.58 3.37 -16.99
C GLU E 96 -23.84 1.87 -16.99
N GLY E 97 -23.39 1.19 -18.04
CA GLY E 97 -23.63 -0.23 -18.10
C GLY E 97 -22.90 -0.99 -17.01
N LEU E 98 -21.77 -0.46 -16.54
CA LEU E 98 -21.03 -1.09 -15.47
C LEU E 98 -21.78 -0.96 -14.13
N GLN E 99 -22.36 0.21 -13.87
CA GLN E 99 -23.15 0.41 -12.66
C GLN E 99 -24.37 -0.50 -12.66
N LYS E 100 -25.06 -0.57 -13.81
CA LYS E 100 -26.22 -1.42 -14.02
C LYS E 100 -25.83 -2.85 -13.71
N CYS E 101 -24.65 -3.27 -14.12
CA CYS E 101 -24.22 -4.63 -13.90
C CYS E 101 -23.97 -4.91 -12.43
N GLN E 102 -23.32 -3.98 -11.74
CA GLN E 102 -23.11 -3.97 -10.29
C GLN E 102 -24.39 -4.34 -9.57
N ARG E 103 -25.31 -3.48 -9.93
CA ARG E 103 -26.60 -3.48 -9.34
C ARG E 103 -27.32 -4.79 -9.67
N ASP E 104 -27.20 -5.30 -10.90
CA ASP E 104 -27.86 -6.53 -11.30
C ASP E 104 -27.26 -7.69 -10.52
N LEU E 105 -25.98 -7.62 -10.18
CA LEU E 105 -25.34 -8.71 -9.45
C LEU E 105 -25.77 -8.65 -7.99
N ILE E 106 -25.89 -7.45 -7.44
CA ILE E 106 -26.43 -7.32 -6.12
C ILE E 106 -27.87 -7.86 -6.03
N ASP E 107 -28.71 -7.60 -7.04
CA ASP E 107 -30.12 -7.95 -6.97
C ASP E 107 -30.41 -9.36 -7.50
N LEU E 108 -29.40 -10.04 -8.05
CA LEU E 108 -29.73 -11.17 -8.89
C LEU E 108 -30.39 -12.24 -8.02
N CYS E 109 -31.56 -12.74 -8.44
CA CYS E 109 -32.17 -13.85 -7.72
C CYS E 109 -33.06 -14.52 -8.72
N CYS E 110 -32.59 -15.66 -9.23
CA CYS E 110 -33.26 -16.22 -10.38
C CYS E 110 -32.86 -17.68 -10.49
N LEU E 111 -33.37 -18.31 -11.55
CA LEU E 111 -32.96 -19.65 -11.93
C LEU E 111 -31.62 -19.49 -12.64
N MET E 112 -30.64 -20.30 -12.22
CA MET E 112 -29.27 -20.30 -12.73
C MET E 112 -28.99 -21.71 -13.23
N THR E 113 -28.70 -21.82 -14.53
CA THR E 113 -28.14 -23.03 -15.08
C THR E 113 -26.64 -23.01 -14.81
N ILE E 114 -26.14 -24.01 -14.09
CA ILE E 114 -24.75 -24.01 -13.72
C ILE E 114 -24.11 -25.30 -14.22
N SER E 115 -22.82 -25.18 -14.53
CA SER E 115 -22.00 -26.33 -14.88
C SER E 115 -21.05 -26.61 -13.72
N PHE E 116 -21.27 -27.68 -13.02
CA PHE E 116 -20.59 -27.96 -11.76
C PHE E 116 -19.47 -28.96 -12.03
N ASN E 117 -18.26 -28.51 -11.72
CA ASN E 117 -17.11 -29.39 -11.82
C ASN E 117 -16.79 -30.00 -10.46
N PRO E 118 -17.10 -31.28 -10.19
CA PRO E 118 -16.82 -31.86 -8.89
C PRO E 118 -15.33 -31.93 -8.56
N SER E 119 -14.43 -31.98 -9.56
CA SER E 119 -13.00 -31.98 -9.23
C SER E 119 -12.58 -30.65 -8.61
N LEU E 120 -13.12 -29.51 -9.08
CA LEU E 120 -12.64 -28.22 -8.63
C LEU E 120 -13.57 -27.55 -7.61
N SER E 121 -14.56 -28.29 -7.12
CA SER E 121 -15.68 -27.79 -6.31
C SER E 121 -16.12 -26.38 -6.67
N LYS E 122 -16.28 -26.07 -7.96
CA LYS E 122 -16.88 -24.79 -8.34
C LYS E 122 -17.71 -25.00 -9.62
N ALA E 123 -18.36 -23.93 -10.09
CA ALA E 123 -19.21 -24.07 -11.25
C ALA E 123 -19.11 -22.88 -12.19
N MET E 124 -19.58 -23.06 -13.41
CA MET E 124 -19.73 -21.95 -14.33
C MET E 124 -21.22 -21.62 -14.46
N VAL E 125 -21.56 -20.34 -14.44
CA VAL E 125 -22.95 -20.00 -14.66
C VAL E 125 -23.13 -19.79 -16.14
N LEU E 126 -24.01 -20.63 -16.75
CA LEU E 126 -24.22 -20.68 -18.20
C LEU E 126 -25.39 -19.78 -18.61
N ALA E 127 -26.45 -19.78 -17.81
CA ALA E 127 -27.64 -18.98 -18.13
C ALA E 127 -28.38 -18.51 -16.87
N LEU E 128 -29.06 -17.38 -16.98
CA LEU E 128 -29.94 -16.87 -15.96
C LEU E 128 -31.33 -16.88 -16.54
N GLN E 129 -32.33 -17.26 -15.77
CA GLN E 129 -33.70 -17.28 -16.26
C GLN E 129 -34.66 -16.84 -15.14
N ASP E 130 -35.69 -16.06 -15.49
CA ASP E 130 -36.69 -15.59 -14.57
C ASP E 130 -37.73 -16.70 -14.40
N VAL E 131 -38.40 -16.68 -13.26
CA VAL E 131 -39.44 -17.65 -13.00
C VAL E 131 -40.71 -17.25 -13.73
N ASN E 132 -41.46 -18.25 -14.13
CA ASN E 132 -42.74 -17.99 -14.73
C ASN E 132 -43.80 -18.94 -14.14
N MET E 133 -45.02 -18.86 -14.68
CA MET E 133 -46.15 -19.61 -14.14
C MET E 133 -45.91 -21.10 -14.32
N GLU E 134 -45.18 -21.53 -15.33
CA GLU E 134 -44.89 -22.96 -15.48
C GLU E 134 -44.03 -23.42 -14.32
N HIS E 135 -43.06 -22.60 -13.91
CA HIS E 135 -42.26 -22.97 -12.74
C HIS E 135 -43.16 -23.16 -11.53
N LEU E 136 -44.08 -22.21 -11.30
CA LEU E 136 -45.03 -22.30 -10.21
C LEU E 136 -45.80 -23.60 -10.30
N GLU E 137 -46.38 -23.89 -11.47
CA GLU E 137 -47.14 -25.11 -11.67
C GLU E 137 -46.27 -26.32 -11.33
N ASN E 138 -45.00 -26.35 -11.79
CA ASN E 138 -44.16 -27.52 -11.56
C ASN E 138 -43.90 -27.79 -10.09
N LEU E 139 -43.79 -26.70 -9.33
CA LEU E 139 -43.47 -26.76 -7.92
C LEU E 139 -44.67 -27.26 -7.17
N LYS E 140 -45.85 -26.76 -7.54
CA LYS E 140 -47.10 -27.26 -6.97
C LYS E 140 -47.23 -28.75 -7.21
N LYS E 141 -46.94 -29.21 -8.44
CA LYS E 141 -47.11 -30.61 -8.79
C LYS E 141 -46.11 -31.47 -8.03
N ARG E 142 -44.86 -31.00 -7.95
CA ARG E 142 -43.79 -31.68 -7.23
C ARG E 142 -44.19 -31.82 -5.77
N LEU E 143 -44.77 -30.80 -5.17
CA LEU E 143 -45.22 -30.90 -3.76
C LEU E 143 -46.49 -31.70 -3.55
N ASN E 144 -47.15 -32.09 -4.63
CA ASN E 144 -48.48 -32.65 -4.59
C ASN E 144 -49.46 -31.71 -3.88
N LYS E 145 -49.40 -30.42 -4.17
CA LYS E 145 -50.53 -29.54 -3.93
C LYS E 145 -51.55 -29.80 -5.06
N UNK F 1 -3.20 1.50 2.80
CA UNK F 1 -2.53 0.26 2.38
C UNK F 1 -3.45 -0.85 2.81
N UNK F 2 -4.28 -0.67 3.85
CA UNK F 2 -5.14 -1.77 4.31
C UNK F 2 -6.50 -1.81 3.61
N UNK F 3 -7.42 -2.74 3.93
CA UNK F 3 -8.67 -2.65 3.21
C UNK F 3 -9.60 -3.84 3.36
N UNK F 4 -10.50 -4.03 2.36
CA UNK F 4 -11.29 -5.25 2.13
C UNK F 4 -11.62 -5.47 0.63
N UNK F 5 -11.82 -6.76 0.21
CA UNK F 5 -12.34 -7.14 -1.12
C UNK F 5 -11.97 -8.60 -1.47
N UNK F 6 -12.42 -9.10 -2.63
CA UNK F 6 -12.45 -10.55 -2.82
C UNK F 6 -12.61 -11.26 -1.46
N VAL F 7 -13.69 -11.87 2.53
CA VAL F 7 -15.13 -12.05 2.89
C VAL F 7 -15.22 -13.05 4.04
N ARG F 8 -16.26 -12.86 4.85
CA ARG F 8 -16.58 -13.77 5.93
C ARG F 8 -18.08 -14.06 5.87
N LEU F 9 -18.40 -15.34 5.71
CA LEU F 9 -19.79 -15.71 5.55
C LEU F 9 -20.27 -16.52 6.75
N PRO F 10 -21.58 -16.49 7.08
CA PRO F 10 -22.13 -17.43 8.05
C PRO F 10 -21.72 -18.85 7.75
N ARG F 11 -21.51 -19.64 8.80
CA ARG F 11 -21.00 -20.99 8.70
C ARG F 11 -21.97 -21.82 7.89
N SER F 12 -23.28 -21.61 8.08
CA SER F 12 -24.27 -22.43 7.43
C SER F 12 -25.11 -21.58 6.48
N PRO F 13 -25.76 -22.23 5.51
CA PRO F 13 -26.41 -21.52 4.41
C PRO F 13 -27.73 -20.90 4.83
N PRO F 14 -28.21 -19.86 4.14
CA PRO F 14 -29.45 -19.19 4.48
C PRO F 14 -30.69 -20.05 4.21
N LEU F 15 -31.13 -20.78 5.21
CA LEU F 15 -32.32 -21.60 5.12
C LEU F 15 -33.56 -20.75 4.82
N LYS F 16 -34.41 -21.22 3.88
CA LYS F 16 -35.65 -20.52 3.60
C LYS F 16 -36.68 -20.79 4.70
N VAL F 17 -37.27 -19.74 5.26
CA VAL F 17 -38.26 -19.89 6.28
C VAL F 17 -39.35 -18.84 6.17
N LEU F 18 -40.43 -19.22 6.85
CA LEU F 18 -41.53 -18.31 7.14
C LEU F 18 -41.45 -17.83 8.58
N ALA F 19 -41.91 -16.58 8.77
CA ALA F 19 -42.10 -15.98 10.08
C ALA F 19 -42.70 -16.95 11.10
N GLU F 20 -43.82 -17.59 10.76
CA GLU F 20 -44.52 -18.48 11.67
C GLU F 20 -43.59 -19.61 12.08
N GLN F 21 -42.73 -20.10 11.18
CA GLN F 21 -41.89 -21.21 11.55
C GLN F 21 -40.92 -20.78 12.63
N LEU F 22 -40.37 -19.58 12.51
CA LEU F 22 -39.48 -19.06 13.54
C LEU F 22 -40.31 -18.87 14.81
N ARG F 23 -41.41 -18.12 14.71
CA ARG F 23 -42.22 -17.76 15.87
C ARG F 23 -42.62 -19.00 16.67
N ARG F 24 -42.84 -20.15 16.04
CA ARG F 24 -43.41 -21.28 16.75
C ARG F 24 -42.46 -22.46 16.93
N ASP F 25 -41.43 -22.60 16.10
CA ASP F 25 -40.63 -23.82 16.10
C ASP F 25 -39.18 -23.56 16.48
N ALA F 26 -38.81 -22.29 16.62
CA ALA F 26 -37.47 -21.98 17.08
C ALA F 26 -37.32 -22.35 18.54
N GLU F 27 -36.07 -22.71 18.85
CA GLU F 27 -35.59 -23.21 20.11
C GLU F 27 -34.27 -22.51 20.37
N GLY F 28 -33.70 -22.77 21.55
CA GLY F 28 -32.37 -22.29 21.82
C GLY F 28 -32.47 -20.90 22.39
N GLY F 29 -31.69 -19.96 21.89
CA GLY F 29 -31.65 -18.63 22.46
C GLY F 29 -30.60 -17.79 21.75
N PRO F 30 -30.41 -16.53 22.15
CA PRO F 30 -29.40 -15.66 21.54
C PRO F 30 -28.08 -16.40 21.27
N GLY F 31 -27.62 -16.36 20.02
CA GLY F 31 -26.35 -16.96 19.66
C GLY F 31 -26.43 -18.46 19.38
N ALA F 32 -27.55 -19.11 19.69
CA ALA F 32 -27.68 -20.55 19.49
C ALA F 32 -29.10 -20.91 19.03
N TRP F 33 -29.58 -20.24 17.99
CA TRP F 33 -30.94 -20.40 17.49
C TRP F 33 -31.04 -21.65 16.61
N ARG F 34 -32.07 -22.47 16.85
CA ARG F 34 -32.27 -23.67 16.05
C ARG F 34 -33.77 -23.79 15.69
N LEU F 35 -34.11 -24.41 14.57
CA LEU F 35 -35.49 -24.66 14.22
C LEU F 35 -35.87 -26.12 14.51
N SER F 36 -36.85 -26.34 15.41
CA SER F 36 -37.33 -27.68 15.73
C SER F 36 -38.06 -28.28 14.52
N ARG F 37 -37.79 -29.56 14.25
CA ARG F 37 -38.58 -30.40 13.36
C ARG F 37 -39.05 -31.61 14.13
N ALA F 38 -39.47 -31.43 15.39
CA ALA F 38 -39.94 -32.54 16.22
C ALA F 38 -41.22 -33.09 15.59
N ALA F 39 -42.06 -32.17 15.09
CA ALA F 39 -43.29 -32.47 14.38
C ALA F 39 -43.06 -33.31 13.13
N ALA F 40 -41.99 -33.05 12.35
CA ALA F 40 -41.66 -33.87 11.20
C ALA F 40 -40.78 -35.07 11.61
N GLY F 41 -40.60 -35.28 12.92
CA GLY F 41 -39.80 -36.36 13.48
C GLY F 41 -38.37 -36.39 12.94
N ARG F 42 -37.67 -35.25 13.02
CA ARG F 42 -36.33 -35.06 12.48
C ARG F 42 -35.52 -34.16 13.42
N GLY F 43 -34.21 -34.09 13.17
CA GLY F 43 -33.28 -33.31 13.99
C GLY F 43 -33.43 -31.82 13.74
N PRO F 44 -33.10 -31.00 14.77
CA PRO F 44 -33.04 -29.54 14.65
C PRO F 44 -32.27 -28.98 13.45
N LEU F 45 -32.72 -27.87 12.85
CA LEU F 45 -31.89 -27.14 11.91
C LEU F 45 -31.29 -25.91 12.56
N ASP F 46 -30.17 -25.51 12.01
CA ASP F 46 -29.42 -24.37 12.48
C ASP F 46 -30.11 -23.10 11.96
N LEU F 47 -30.13 -22.04 12.78
CA LEU F 47 -30.66 -20.75 12.34
C LEU F 47 -29.63 -19.59 12.32
N ALA F 48 -28.35 -19.88 12.17
CA ALA F 48 -27.33 -18.89 11.83
C ALA F 48 -27.76 -17.93 10.71
N ALA F 49 -28.38 -18.46 9.68
CA ALA F 49 -28.65 -17.66 8.50
C ALA F 49 -29.99 -18.08 7.92
N VAL F 50 -30.73 -17.09 7.43
CA VAL F 50 -32.00 -17.41 6.85
C VAL F 50 -32.21 -16.55 5.62
N TRP F 51 -33.05 -17.12 4.78
CA TRP F 51 -33.57 -16.49 3.59
C TRP F 51 -35.06 -16.36 3.83
N MET F 52 -35.53 -15.12 3.82
CA MET F 52 -36.92 -14.81 4.07
C MET F 52 -37.37 -13.82 3.00
N GLN F 53 -38.66 -13.75 2.67
CA GLN F 53 -39.15 -12.81 1.70
C GLN F 53 -40.44 -12.21 2.23
N GLY F 54 -40.75 -10.98 1.79
CA GLY F 54 -42.06 -10.42 2.10
C GLY F 54 -42.26 -9.03 1.49
N ARG F 55 -43.46 -8.53 1.71
CA ARG F 55 -43.81 -7.16 1.47
C ARG F 55 -43.28 -6.29 2.61
N VAL F 56 -42.64 -5.18 2.24
CA VAL F 56 -42.25 -4.20 3.20
C VAL F 56 -43.51 -3.50 3.68
N VAL F 57 -43.77 -3.53 4.98
CA VAL F 57 -44.88 -2.81 5.54
C VAL F 57 -44.38 -1.51 6.15
N MET F 58 -43.20 -1.56 6.78
CA MET F 58 -42.63 -0.35 7.32
C MET F 58 -41.14 -0.32 7.02
N ALA F 59 -40.66 0.87 6.67
CA ALA F 59 -39.27 1.12 6.38
C ALA F 59 -38.84 2.42 7.05
N ASP F 60 -37.75 2.37 7.81
CA ASP F 60 -37.48 3.47 8.73
C ASP F 60 -35.99 3.46 9.05
N ARG F 61 -35.24 4.33 8.33
CA ARG F 61 -33.79 4.36 8.39
C ARG F 61 -33.31 2.95 8.07
N GLY F 62 -32.73 2.24 9.06
CA GLY F 62 -32.14 0.92 8.87
C GLY F 62 -32.96 -0.25 9.37
N GLU F 63 -34.22 0.00 9.76
CA GLU F 63 -35.11 -1.08 10.21
C GLU F 63 -36.27 -1.20 9.23
N ALA F 64 -36.78 -2.41 9.12
CA ALA F 64 -37.97 -2.65 8.34
C ALA F 64 -38.84 -3.69 9.02
N ARG F 65 -40.14 -3.62 8.75
CA ARG F 65 -41.04 -4.71 9.07
C ARG F 65 -41.55 -5.25 7.75
N LEU F 66 -41.62 -6.59 7.67
CA LEU F 66 -42.04 -7.22 6.45
C LEU F 66 -43.12 -8.24 6.73
N ARG F 67 -43.99 -8.47 5.73
CA ARG F 67 -45.06 -9.46 5.88
C ARG F 67 -44.89 -10.53 4.82
N ASP F 68 -44.73 -11.80 5.23
CA ASP F 68 -44.68 -12.94 4.33
C ASP F 68 -46.01 -13.67 4.42
N PRO F 69 -46.36 -14.73 3.71
CA PRO F 69 -47.71 -15.33 3.86
C PRO F 69 -48.12 -15.88 5.22
N SER F 70 -47.12 -16.03 6.11
CA SER F 70 -47.40 -16.55 7.44
C SER F 70 -47.48 -15.46 8.51
N GLY F 71 -47.15 -14.22 8.20
CA GLY F 71 -47.05 -13.24 9.29
C GLY F 71 -45.84 -12.31 9.22
N ASP F 72 -45.62 -11.55 10.31
CA ASP F 72 -44.74 -10.40 10.22
C ASP F 72 -43.38 -10.70 10.87
N PHE F 73 -42.33 -10.02 10.35
CA PHE F 73 -41.02 -10.08 10.94
C PHE F 73 -40.29 -8.76 10.76
N SER F 74 -39.29 -8.53 11.63
CA SER F 74 -38.54 -7.31 11.51
C SER F 74 -37.09 -7.54 11.07
N VAL F 75 -36.47 -6.50 10.55
CA VAL F 75 -35.13 -6.61 10.01
C VAL F 75 -34.37 -5.37 10.40
N ARG F 76 -33.18 -5.59 10.96
CA ARG F 76 -32.33 -4.49 11.44
C ARG F 76 -31.08 -4.45 10.56
N GLY F 77 -30.34 -3.35 10.61
CA GLY F 77 -28.99 -3.25 10.08
C GLY F 77 -28.98 -3.05 8.57
N LEU F 78 -30.07 -2.48 8.04
CA LEU F 78 -30.19 -2.35 6.61
C LEU F 78 -29.36 -1.19 6.10
N GLU F 79 -28.89 -0.30 6.96
CA GLU F 79 -28.07 0.81 6.49
C GLU F 79 -26.72 0.25 5.98
N ARG F 80 -26.39 -1.01 6.28
CA ARG F 80 -25.08 -1.57 6.00
C ARG F 80 -25.04 -2.56 4.81
N VAL F 81 -26.16 -2.83 4.14
CA VAL F 81 -26.18 -3.93 3.21
C VAL F 81 -25.99 -3.36 1.80
N PRO F 82 -25.61 -4.22 0.85
CA PRO F 82 -25.49 -3.77 -0.54
C PRO F 82 -26.78 -3.21 -1.11
N ARG F 83 -26.63 -2.08 -1.81
CA ARG F 83 -27.76 -1.33 -2.34
C ARG F 83 -27.87 -1.56 -3.83
N GLY F 84 -28.81 -2.44 -4.17
CA GLY F 84 -29.21 -2.68 -5.54
C GLY F 84 -30.34 -1.72 -5.90
N ARG F 85 -31.35 -2.23 -6.60
CA ARG F 85 -32.52 -1.43 -6.89
C ARG F 85 -33.10 -1.02 -5.53
N PRO F 86 -33.40 0.27 -5.31
CA PRO F 86 -33.81 0.76 -3.99
C PRO F 86 -35.17 0.16 -3.67
N CYS F 87 -35.30 -0.46 -2.49
CA CYS F 87 -36.54 -1.18 -2.21
C CYS F 87 -36.94 -1.16 -0.72
N LEU F 88 -36.48 -0.18 0.07
CA LEU F 88 -36.97 0.03 1.41
C LEU F 88 -38.08 1.07 1.35
N VAL F 89 -39.17 0.64 0.73
CA VAL F 89 -40.34 1.45 0.46
C VAL F 89 -41.54 0.56 0.79
N PRO F 90 -42.54 1.01 1.57
CA PRO F 90 -43.72 0.17 1.79
C PRO F 90 -44.31 -0.25 0.46
N GLY F 91 -44.67 -1.52 0.31
CA GLY F 91 -45.28 -1.99 -0.92
C GLY F 91 -44.34 -2.88 -1.75
N LYS F 92 -43.03 -2.71 -1.60
CA LYS F 92 -42.08 -3.56 -2.29
C LYS F 92 -42.07 -4.98 -1.73
N TYR F 93 -41.83 -5.93 -2.62
CA TYR F 93 -41.61 -7.32 -2.31
C TYR F 93 -40.12 -7.59 -2.48
N VAL F 94 -39.51 -8.15 -1.43
CA VAL F 94 -38.06 -8.21 -1.34
C VAL F 94 -37.64 -9.51 -0.70
N MET F 95 -36.39 -9.90 -0.89
CA MET F 95 -35.83 -11.02 -0.17
C MET F 95 -34.80 -10.45 0.77
N VAL F 96 -34.58 -11.19 1.85
CA VAL F 96 -33.66 -10.82 2.90
C VAL F 96 -32.85 -12.07 3.22
N MET F 97 -31.54 -11.91 3.17
CA MET F 97 -30.69 -12.85 3.89
C MET F 97 -30.41 -12.17 5.23
N GLY F 98 -30.63 -12.91 6.31
CA GLY F 98 -30.24 -12.39 7.60
C GLY F 98 -29.92 -13.46 8.64
N VAL F 99 -29.52 -12.93 9.80
CA VAL F 99 -29.24 -13.75 10.97
C VAL F 99 -30.36 -13.48 11.98
N VAL F 100 -30.82 -14.55 12.62
CA VAL F 100 -31.90 -14.50 13.58
C VAL F 100 -31.38 -13.94 14.90
N GLN F 101 -32.02 -12.86 15.36
CA GLN F 101 -31.80 -12.27 16.67
C GLN F 101 -32.91 -12.66 17.66
N ALA F 102 -34.18 -12.69 17.22
CA ALA F 102 -35.31 -13.00 18.07
C ALA F 102 -36.33 -13.76 17.25
N CYS F 103 -37.14 -14.58 17.90
CA CYS F 103 -38.23 -15.31 17.27
C CYS F 103 -39.61 -14.92 17.79
N SER F 104 -39.70 -14.30 18.98
CA SER F 104 -40.96 -13.97 19.63
C SER F 104 -40.85 -12.63 20.34
N PRO F 105 -41.97 -11.88 20.46
CA PRO F 105 -43.25 -12.21 19.81
C PRO F 105 -43.23 -12.22 18.28
N GLU F 106 -42.28 -11.47 17.71
CA GLU F 106 -42.13 -11.30 16.27
C GLU F 106 -40.69 -11.55 15.85
N PRO F 107 -40.40 -12.41 14.86
CA PRO F 107 -39.02 -12.68 14.43
C PRO F 107 -38.28 -11.42 14.06
N CYS F 108 -37.01 -11.33 14.51
CA CYS F 108 -36.15 -10.22 14.14
C CYS F 108 -34.85 -10.74 13.51
N LEU F 109 -34.44 -10.12 12.41
CA LEU F 109 -33.21 -10.52 11.75
C LEU F 109 -32.23 -9.35 11.78
N GLN F 110 -30.95 -9.67 11.89
CA GLN F 110 -29.89 -8.75 11.47
C GLN F 110 -29.63 -8.99 9.98
N ALA F 111 -29.67 -7.92 9.20
CA ALA F 111 -29.68 -8.01 7.76
C ALA F 111 -28.28 -8.29 7.22
N VAL F 112 -28.21 -9.19 6.23
CA VAL F 112 -26.98 -9.42 5.45
C VAL F 112 -27.15 -8.96 4.01
N LYS F 113 -28.28 -9.32 3.37
CA LYS F 113 -28.71 -8.54 2.23
C LYS F 113 -30.20 -8.30 2.25
N MET F 114 -30.62 -7.23 1.57
CA MET F 114 -32.01 -7.12 1.18
C MET F 114 -32.08 -6.62 -0.27
N THR F 115 -32.81 -7.34 -1.15
CA THR F 115 -32.92 -6.95 -2.55
C THR F 115 -34.32 -7.12 -3.12
N ASP F 116 -34.60 -6.23 -4.07
CA ASP F 116 -35.92 -6.06 -4.67
C ASP F 116 -36.33 -7.32 -5.46
N LEU F 117 -37.58 -7.76 -5.32
CA LEU F 117 -38.15 -8.83 -6.12
C LEU F 117 -39.45 -8.37 -6.72
N SER F 118 -39.60 -7.05 -6.80
CA SER F 118 -40.89 -6.50 -7.15
C SER F 118 -41.17 -6.60 -8.63
N ASP F 119 -40.13 -6.72 -9.49
CA ASP F 119 -40.30 -6.58 -10.93
C ASP F 119 -40.97 -7.81 -11.57
N ASN F 120 -41.11 -8.91 -10.83
CA ASN F 120 -41.82 -10.05 -11.31
C ASN F 120 -42.67 -10.61 -10.18
N PRO F 121 -44.00 -10.38 -10.23
CA PRO F 121 -44.90 -10.84 -9.18
C PRO F 121 -44.84 -12.34 -8.91
N ILE F 122 -44.27 -13.13 -9.85
CA ILE F 122 -44.37 -14.57 -9.70
C ILE F 122 -43.39 -15.04 -8.63
N HIS F 123 -42.36 -14.28 -8.32
CA HIS F 123 -41.57 -14.64 -7.14
C HIS F 123 -42.46 -14.74 -5.88
N GLU F 124 -43.31 -13.72 -5.67
CA GLU F 124 -44.20 -13.73 -4.50
C GLU F 124 -45.12 -14.96 -4.52
N SER F 125 -45.69 -15.31 -5.68
CA SER F 125 -46.59 -16.47 -5.78
C SER F 125 -45.88 -17.76 -5.39
N MET F 126 -44.56 -17.82 -5.59
CA MET F 126 -43.84 -19.05 -5.45
C MET F 126 -43.30 -19.27 -4.03
N TRP F 127 -43.14 -18.19 -3.28
CA TRP F 127 -42.30 -18.19 -2.10
C TRP F 127 -42.71 -19.25 -1.11
N GLU F 128 -44.01 -19.31 -0.77
CA GLU F 128 -44.40 -20.22 0.27
C GLU F 128 -44.15 -21.66 -0.18
N LEU F 129 -44.43 -21.95 -1.45
CA LEU F 129 -44.13 -23.27 -1.99
C LEU F 129 -42.63 -23.56 -1.98
N GLU F 130 -41.80 -22.55 -2.21
CA GLU F 130 -40.36 -22.71 -2.19
C GLU F 130 -39.88 -23.11 -0.80
N VAL F 131 -40.44 -22.46 0.24
CA VAL F 131 -40.06 -22.81 1.61
C VAL F 131 -40.38 -24.28 1.85
N GLU F 132 -41.57 -24.69 1.45
CA GLU F 132 -42.02 -26.02 1.76
C GLU F 132 -41.17 -27.04 1.00
N ASP F 133 -40.82 -26.71 -0.25
CA ASP F 133 -40.15 -27.69 -1.09
C ASP F 133 -38.73 -27.85 -0.59
N LEU F 134 -38.09 -26.73 -0.20
CA LEU F 134 -36.75 -26.77 0.34
C LEU F 134 -36.77 -27.59 1.62
N HIS F 135 -37.70 -27.31 2.52
CA HIS F 135 -37.75 -28.08 3.77
C HIS F 135 -37.88 -29.56 3.49
N ARG F 136 -38.57 -29.99 2.43
CA ARG F 136 -38.73 -31.41 2.19
C ARG F 136 -37.44 -32.08 1.75
N ASN F 137 -36.47 -31.31 1.23
CA ASN F 137 -35.24 -31.88 0.69
C ASN F 137 -34.03 -31.73 1.63
N ILE F 138 -34.26 -31.27 2.85
CA ILE F 138 -33.27 -31.34 3.90
C ILE F 138 -33.56 -32.55 4.75
N PRO F 139 -32.57 -33.44 4.89
CA PRO F 139 -32.76 -34.65 5.71
C PRO F 139 -32.75 -34.25 7.23
N MET G 11 16.06 17.11 12.46
CA MET G 11 16.04 15.83 11.69
C MET G 11 14.75 15.02 11.93
N ASP G 12 14.09 14.71 10.78
CA ASP G 12 12.93 13.89 10.52
C ASP G 12 13.06 12.46 11.07
N LEU G 13 11.93 11.94 11.58
CA LEU G 13 11.95 10.68 12.29
C LEU G 13 11.93 9.49 11.32
N TYR G 14 11.82 9.76 10.01
CA TYR G 14 11.95 8.73 8.99
C TYR G 14 13.30 8.70 8.24
N SER G 15 14.29 9.47 8.69
CA SER G 15 15.52 9.65 7.91
C SER G 15 16.37 8.40 8.02
N PRO G 16 16.62 7.72 6.88
CA PRO G 16 17.45 6.51 6.90
C PRO G 16 18.93 6.89 7.04
N PRO G 17 19.77 5.98 7.54
CA PRO G 17 19.34 4.62 7.88
C PRO G 17 18.73 4.40 9.26
N PHE G 18 18.82 5.39 10.15
CA PHE G 18 18.33 5.29 11.53
C PHE G 18 18.27 6.69 12.09
N VAL G 19 17.49 6.82 13.19
CA VAL G 19 17.39 8.09 13.88
C VAL G 19 17.91 7.88 15.30
N TYR G 20 17.82 8.92 16.13
CA TYR G 20 18.33 8.85 17.49
C TYR G 20 17.23 9.09 18.54
N LEU G 21 17.38 8.43 19.68
CA LEU G 21 16.43 8.50 20.77
C LEU G 21 16.34 9.91 21.31
N SER G 22 17.48 10.59 21.44
CA SER G 22 17.43 11.92 21.98
C SER G 22 16.63 12.83 21.04
N VAL G 23 16.71 12.57 19.75
CA VAL G 23 15.94 13.40 18.82
C VAL G 23 14.45 13.08 18.93
N LEU G 24 14.14 11.80 19.10
CA LEU G 24 12.76 11.40 19.26
C LEU G 24 12.16 12.11 20.49
N MET G 25 12.88 12.12 21.61
CA MET G 25 12.36 12.61 22.88
C MET G 25 12.11 14.13 22.78
N ALA G 26 13.07 14.82 22.16
CA ALA G 26 12.96 16.25 21.99
C ALA G 26 11.75 16.65 21.12
N SER G 27 11.31 15.78 20.20
CA SER G 27 10.16 16.03 19.34
C SER G 27 8.85 15.96 20.12
N LYS G 28 8.92 15.44 21.36
CA LYS G 28 7.84 15.39 22.35
C LYS G 28 6.58 14.82 21.73
N PRO G 29 6.63 13.53 21.34
CA PRO G 29 5.56 12.92 20.57
C PRO G 29 4.40 12.61 21.49
N LYS G 30 3.18 12.92 21.00
CA LYS G 30 1.96 12.68 21.78
C LYS G 30 1.46 11.26 21.59
N GLU G 31 1.79 10.59 20.47
CA GLU G 31 1.29 9.24 20.21
C GLU G 31 2.45 8.26 20.22
N VAL G 32 2.10 6.99 20.31
CA VAL G 32 3.09 5.93 20.13
C VAL G 32 3.72 6.05 18.75
N THR G 33 5.04 5.93 18.71
CA THR G 33 5.85 6.29 17.53
C THR G 33 6.83 5.15 17.17
N THR G 34 6.78 4.70 15.92
CA THR G 34 7.74 3.72 15.42
C THR G 34 9.00 4.43 14.94
N VAL G 35 10.17 3.98 15.37
CA VAL G 35 11.43 4.53 14.86
C VAL G 35 12.42 3.40 14.79
N LYS G 36 13.46 3.58 13.99
CA LYS G 36 14.53 2.61 13.89
C LYS G 36 15.77 3.26 14.44
N VAL G 37 16.47 2.56 15.32
CA VAL G 37 17.69 3.11 15.89
C VAL G 37 18.76 2.04 15.85
N LYS G 38 20.03 2.48 15.90
CA LYS G 38 21.11 1.51 16.05
C LYS G 38 21.50 1.50 17.52
N ALA G 39 21.38 0.31 18.11
CA ALA G 39 21.47 0.19 19.53
C ALA G 39 22.02 -1.15 19.96
N PHE G 40 22.62 -1.14 21.17
CA PHE G 40 22.95 -2.33 21.92
C PHE G 40 22.25 -2.38 23.29
N ILE G 41 22.21 -3.55 23.90
CA ILE G 41 21.65 -3.74 25.21
C ILE G 41 22.76 -3.46 26.22
N VAL G 42 22.52 -2.44 27.07
CA VAL G 42 23.45 -2.10 28.14
C VAL G 42 23.35 -3.10 29.28
N THR G 43 22.11 -3.37 29.70
CA THR G 43 21.81 -4.41 30.67
C THR G 43 20.41 -4.94 30.41
N LEU G 44 20.19 -6.24 30.70
CA LEU G 44 18.86 -6.78 30.90
C LEU G 44 18.35 -6.24 32.25
N THR G 45 17.00 -6.25 32.38
CA THR G 45 16.34 -5.79 33.61
C THR G 45 15.32 -6.81 34.14
N GLY G 46 15.30 -8.04 33.63
CA GLY G 46 14.60 -9.16 34.22
C GLY G 46 15.09 -10.46 33.60
N ASN G 47 14.57 -11.59 34.07
CA ASN G 47 14.80 -12.83 33.41
C ASN G 47 13.95 -13.02 32.19
N LEU G 48 14.39 -13.96 31.38
CA LEU G 48 13.53 -14.47 30.34
C LEU G 48 12.28 -15.04 30.98
N SER G 49 11.12 -14.61 30.49
CA SER G 49 9.85 -15.06 31.01
C SER G 49 9.05 -15.78 29.91
N SER G 50 8.40 -16.88 30.28
CA SER G 50 7.45 -17.57 29.43
C SER G 50 6.04 -17.42 30.00
N SER G 51 5.88 -16.53 30.97
CA SER G 51 4.53 -16.36 31.43
C SER G 51 3.67 -15.73 30.30
N GLY G 52 2.40 -16.13 30.25
CA GLY G 52 1.49 -15.69 29.21
C GLY G 52 1.44 -16.71 28.10
N GLY G 53 2.32 -17.69 28.15
CA GLY G 53 2.48 -18.60 27.03
C GLY G 53 3.39 -18.00 25.95
N ILE G 54 4.00 -16.82 26.18
CA ILE G 54 4.94 -16.24 25.23
C ILE G 54 6.23 -15.81 25.94
N TRP G 55 7.26 -15.53 25.14
CA TRP G 55 8.54 -15.13 25.68
C TRP G 55 8.46 -13.63 25.88
N SER G 56 9.06 -13.17 26.98
CA SER G 56 9.41 -11.75 27.05
C SER G 56 10.67 -11.57 27.90
N ILE G 57 11.28 -10.39 27.75
CA ILE G 57 12.40 -10.00 28.58
C ILE G 57 12.57 -8.50 28.46
N THR G 58 12.87 -7.83 29.58
CA THR G 58 13.01 -6.37 29.59
C THR G 58 14.49 -6.00 29.59
N ALA G 59 14.77 -4.81 29.06
CA ALA G 59 16.16 -4.36 28.99
C ALA G 59 16.26 -2.84 28.95
N LYS G 60 17.47 -2.34 29.14
CA LYS G 60 17.82 -0.97 28.83
C LYS G 60 18.79 -0.99 27.67
N VAL G 61 18.44 -0.27 26.59
CA VAL G 61 19.28 -0.14 25.41
C VAL G 61 19.78 1.28 25.36
N SER G 62 20.83 1.47 24.57
CA SER G 62 21.30 2.81 24.20
C SER G 62 21.67 2.84 22.72
N ASP G 63 21.46 4.01 22.13
CA ASP G 63 21.85 4.32 20.77
C ASP G 63 23.00 5.32 20.78
N GLY G 64 23.56 5.59 21.95
CA GLY G 64 24.63 6.57 22.08
C GLY G 64 24.11 7.95 22.47
N THR G 65 22.78 8.15 22.48
CA THR G 65 22.21 9.46 22.74
C THR G 65 21.28 9.47 23.95
N ALA G 66 20.80 8.31 24.38
CA ALA G 66 19.95 8.13 25.55
C ALA G 66 19.84 6.65 25.96
N TYR G 67 19.34 6.39 27.18
CA TYR G 67 18.95 5.06 27.62
C TYR G 67 17.45 4.89 27.47
N LEU G 68 17.01 3.66 27.12
CA LEU G 68 15.61 3.36 26.90
C LEU G 68 15.26 1.97 27.45
N ASP G 69 14.23 1.91 28.35
CA ASP G 69 13.69 0.63 28.75
C ASP G 69 12.86 0.05 27.62
N VAL G 70 13.02 -1.24 27.37
CA VAL G 70 12.34 -1.86 26.26
C VAL G 70 11.88 -3.22 26.73
N ASP G 71 10.85 -3.75 26.08
CA ASP G 71 10.53 -5.17 26.10
C ASP G 71 10.78 -5.70 24.69
N PHE G 72 11.14 -6.97 24.55
CA PHE G 72 11.27 -7.62 23.26
C PHE G 72 10.03 -8.47 22.99
N VAL G 73 9.58 -8.47 21.73
CA VAL G 73 8.41 -9.25 21.30
C VAL G 73 8.77 -10.73 21.30
N ASP G 74 7.73 -11.55 21.46
CA ASP G 74 7.87 -13.01 21.45
C ASP G 74 8.64 -13.47 20.19
N GLU G 75 8.35 -12.86 19.03
CA GLU G 75 8.85 -13.35 17.75
C GLU G 75 10.38 -13.26 17.74
N ILE G 76 10.93 -12.13 18.24
CA ILE G 76 12.37 -11.98 18.31
C ILE G 76 13.00 -13.06 19.19
N LEU G 77 12.41 -13.28 20.37
CA LEU G 77 13.01 -14.25 21.26
C LEU G 77 12.83 -15.67 20.74
N THR G 78 11.71 -15.97 20.09
CA THR G 78 11.54 -17.28 19.49
C THR G 78 12.63 -17.51 18.46
N SER G 79 12.99 -16.46 17.70
CA SER G 79 13.91 -16.64 16.59
C SER G 79 15.32 -16.82 17.15
N LEU G 80 15.67 -16.22 18.32
CA LEU G 80 16.97 -16.34 18.93
C LEU G 80 17.16 -17.71 19.58
N ILE G 81 16.10 -18.17 20.24
CA ILE G 81 16.15 -19.42 20.98
C ILE G 81 15.97 -20.58 20.03
N GLY G 82 15.16 -20.40 18.97
CA GLY G 82 14.86 -21.52 18.06
C GLY G 82 13.63 -22.31 18.50
N PHE G 83 13.00 -21.85 19.59
CA PHE G 83 11.90 -22.53 20.27
C PHE G 83 10.87 -21.50 20.69
N SER G 84 9.60 -21.76 20.37
CA SER G 84 8.46 -21.07 20.98
C SER G 84 8.27 -21.54 22.43
N VAL G 85 7.40 -20.85 23.18
CA VAL G 85 7.04 -21.35 24.49
C VAL G 85 6.36 -22.71 24.37
N PRO G 86 5.38 -22.93 23.50
CA PRO G 86 4.83 -24.30 23.35
C PRO G 86 5.90 -25.34 23.04
N GLU G 87 6.89 -24.99 22.23
CA GLU G 87 7.92 -25.94 21.87
C GLU G 87 8.84 -26.19 23.04
N MET G 88 9.11 -25.17 23.81
CA MET G 88 9.87 -25.36 25.04
C MET G 88 9.14 -26.34 25.96
N LYS G 89 7.82 -26.18 26.12
CA LYS G 89 7.12 -27.10 27.01
C LYS G 89 7.16 -28.52 26.45
N GLN G 90 6.93 -28.67 25.16
CA GLN G 90 6.97 -29.97 24.50
C GLN G 90 8.36 -30.58 24.67
N SER G 91 9.42 -29.78 24.83
CA SER G 91 10.76 -30.32 24.87
C SER G 91 11.03 -30.95 26.21
N LYS G 92 10.28 -30.49 27.22
CA LYS G 92 10.41 -31.03 28.57
C LYS G 92 9.92 -32.47 28.58
N LYS G 93 9.36 -32.98 27.48
CA LYS G 93 8.81 -34.33 27.49
C LYS G 93 9.80 -35.37 26.95
N ASP G 94 11.03 -34.93 26.64
CA ASP G 94 11.94 -35.78 25.88
C ASP G 94 13.35 -35.23 26.08
N PRO G 95 14.21 -35.95 26.82
CA PRO G 95 15.57 -35.51 27.10
C PRO G 95 16.37 -34.94 25.93
N LEU G 96 16.27 -35.57 24.76
CA LEU G 96 17.14 -35.11 23.67
C LEU G 96 16.66 -33.77 23.18
N GLN G 97 15.34 -33.57 23.14
CA GLN G 97 14.79 -32.33 22.66
C GLN G 97 15.03 -31.25 23.70
N TYR G 98 15.02 -31.62 24.99
CA TYR G 98 15.20 -30.60 26.02
C TYR G 98 16.64 -30.10 26.00
N GLN G 99 17.56 -30.99 25.68
CA GLN G 99 18.95 -30.64 25.48
C GLN G 99 19.11 -29.61 24.36
N LYS G 100 18.32 -29.76 23.29
CA LYS G 100 18.35 -28.83 22.18
C LYS G 100 17.79 -27.48 22.59
N PHE G 101 16.75 -27.46 23.45
CA PHE G 101 16.24 -26.20 23.93
C PHE G 101 17.29 -25.47 24.79
N LEU G 102 17.98 -26.20 25.68
CA LEU G 102 19.04 -25.60 26.47
C LEU G 102 20.10 -24.97 25.58
N GLU G 103 20.44 -25.67 24.49
CA GLU G 103 21.41 -25.12 23.56
C GLU G 103 20.83 -23.85 22.94
N GLY G 104 19.57 -23.89 22.56
CA GLY G 104 18.98 -22.70 21.98
C GLY G 104 18.94 -21.53 22.96
N LEU G 105 18.77 -21.85 24.24
CA LEU G 105 18.72 -20.81 25.26
C LEU G 105 20.08 -20.16 25.46
N GLN G 106 21.17 -20.95 25.46
CA GLN G 106 22.53 -20.40 25.55
C GLN G 106 22.81 -19.46 24.37
N LYS G 107 22.45 -19.88 23.16
CA LYS G 107 22.62 -19.08 21.96
C LYS G 107 21.89 -17.74 22.13
N CYS G 108 20.68 -17.80 22.68
CA CYS G 108 19.92 -16.58 22.85
C CYS G 108 20.57 -15.64 23.88
N GLN G 109 21.03 -16.19 25.01
CA GLN G 109 21.72 -15.42 26.03
C GLN G 109 22.93 -14.68 25.44
N ARG G 110 23.70 -15.44 24.69
CA ARG G 110 24.86 -14.93 24.01
C ARG G 110 24.48 -13.82 23.03
N ASP G 111 23.41 -14.04 22.25
CA ASP G 111 22.98 -13.12 21.20
C ASP G 111 22.53 -11.82 21.86
N LEU G 112 21.93 -11.90 23.07
CA LEU G 112 21.48 -10.69 23.70
C LEU G 112 22.66 -9.90 24.26
N ILE G 113 23.63 -10.63 24.82
CA ILE G 113 24.86 -10.00 25.25
C ILE G 113 25.56 -9.26 24.09
N ASP G 114 25.62 -9.87 22.90
CA ASP G 114 26.41 -9.31 21.80
C ASP G 114 25.58 -8.43 20.88
N LEU G 115 24.29 -8.33 21.12
CA LEU G 115 23.41 -7.70 20.17
C LEU G 115 23.85 -6.24 19.97
N CYS G 116 24.04 -5.85 18.72
CA CYS G 116 24.30 -4.47 18.37
C CYS G 116 23.79 -4.32 16.96
N CYS G 117 22.62 -3.73 16.78
CA CYS G 117 22.01 -3.78 15.46
C CYS G 117 20.98 -2.69 15.31
N LEU G 118 20.34 -2.64 14.16
CA LEU G 118 19.20 -1.76 13.95
C LEU G 118 18.03 -2.45 14.60
N MET G 119 17.28 -1.66 15.38
CA MET G 119 16.12 -2.11 16.12
C MET G 119 14.98 -1.18 15.76
N THR G 120 13.90 -1.75 15.23
CA THR G 120 12.64 -1.05 15.07
C THR G 120 11.92 -1.12 16.42
N ILE G 121 11.53 0.01 17.00
CA ILE G 121 11.02 0.22 18.34
C ILE G 121 9.70 0.98 18.17
N SER G 122 8.77 0.56 19.01
CA SER G 122 7.52 1.26 19.20
C SER G 122 7.54 1.98 20.55
N PHE G 123 7.71 3.31 20.47
CA PHE G 123 8.02 4.12 21.63
C PHE G 123 6.75 4.73 22.19
N ASN G 124 6.47 4.36 23.44
CA ASN G 124 5.33 4.92 24.14
C ASN G 124 5.75 6.13 24.98
N PRO G 125 5.48 7.38 24.56
CA PRO G 125 5.96 8.52 25.34
C PRO G 125 5.29 8.61 26.72
N SER G 126 4.09 8.06 26.93
CA SER G 126 3.50 8.13 28.26
C SER G 126 4.27 7.23 29.25
N LEU G 127 4.76 6.08 28.83
CA LEU G 127 5.40 5.12 29.73
C LEU G 127 6.93 5.17 29.67
N SER G 128 7.52 6.15 28.96
CA SER G 128 8.95 6.22 28.63
C SER G 128 9.60 4.85 28.41
N LYS G 129 8.94 3.97 27.65
CA LYS G 129 9.55 2.71 27.27
C LYS G 129 9.10 2.34 25.85
N ALA G 130 9.64 1.25 25.32
CA ALA G 130 9.28 0.85 23.98
C ALA G 130 9.20 -0.65 23.83
N MET G 131 8.56 -1.10 22.75
CA MET G 131 8.67 -2.50 22.37
C MET G 131 9.64 -2.60 21.18
N VAL G 132 10.56 -3.56 21.24
CA VAL G 132 11.38 -3.84 20.08
C VAL G 132 10.59 -4.84 19.25
N LEU G 133 10.32 -4.43 17.99
CA LEU G 133 9.45 -5.14 17.06
C LEU G 133 10.28 -6.03 16.16
N ALA G 134 11.41 -5.51 15.70
CA ALA G 134 12.23 -6.24 14.74
C ALA G 134 13.71 -5.83 14.84
N LEU G 135 14.59 -6.76 14.49
CA LEU G 135 16.03 -6.52 14.53
C LEU G 135 16.56 -6.62 13.10
N GLN G 136 17.56 -5.81 12.73
CA GLN G 136 18.11 -5.89 11.40
C GLN G 136 19.61 -5.61 11.43
N ASP G 137 20.40 -6.37 10.64
N ASP G 137 20.35 -6.34 10.59
CA ASP G 137 21.85 -6.16 10.63
CA ASP G 137 21.80 -6.29 10.54
C ASP G 137 22.12 -5.09 9.59
C ASP G 137 22.13 -5.14 9.56
N VAL G 138 23.27 -4.44 9.73
CA VAL G 138 23.58 -3.32 8.85
C VAL G 138 24.03 -3.81 7.47
N ASN G 139 23.78 -3.00 6.46
CA ASN G 139 24.23 -3.39 5.15
C ASN G 139 24.77 -2.17 4.42
N MET G 140 25.23 -2.40 3.20
CA MET G 140 25.82 -1.36 2.38
C MET G 140 24.84 -0.23 2.09
N GLU G 141 23.52 -0.51 2.00
CA GLU G 141 22.55 0.55 1.83
C GLU G 141 22.56 1.48 3.02
N HIS G 142 22.67 0.92 4.22
CA HIS G 142 22.77 1.78 5.41
C HIS G 142 23.98 2.70 5.28
N LEU G 143 25.14 2.13 4.93
CA LEU G 143 26.33 2.92 4.72
C LEU G 143 26.05 4.06 3.74
N GLU G 144 25.49 3.71 2.58
CA GLU G 144 25.23 4.69 1.55
C GLU G 144 24.29 5.78 2.07
N ASN G 145 23.23 5.40 2.81
CA ASN G 145 22.30 6.40 3.32
C ASN G 145 22.94 7.40 4.30
N LEU G 146 23.88 6.90 5.12
CA LEU G 146 24.58 7.69 6.11
C LEU G 146 25.52 8.65 5.41
N LYS G 147 26.23 8.17 4.38
CA LYS G 147 27.05 9.07 3.58
C LYS G 147 26.20 10.16 2.94
N LYS G 148 25.01 9.83 2.41
CA LYS G 148 24.20 10.82 1.72
C LYS G 148 23.70 11.85 2.73
N ARG G 149 23.26 11.38 3.89
CA ARG G 149 22.76 12.26 4.95
C ARG G 149 23.88 13.21 5.38
N LEU G 150 25.12 12.72 5.48
CA LEU G 150 26.26 13.54 5.85
C LEU G 150 26.79 14.42 4.71
N ASN G 151 26.21 14.31 3.50
CA ASN G 151 26.69 15.02 2.32
C ASN G 151 28.14 14.62 2.01
N LYS G 152 28.53 13.34 2.13
CA LYS G 152 29.96 13.02 2.04
C LYS G 152 30.33 12.47 0.65
N GLY H 11 21.13 -8.54 41.77
CA GLY H 11 20.14 -9.18 40.88
C GLY H 11 19.75 -8.26 39.73
N PRO H 12 18.64 -8.59 38.97
CA PRO H 12 18.13 -7.82 37.80
C PRO H 12 17.41 -6.51 38.13
N ALA H 13 17.00 -6.41 39.40
CA ALA H 13 16.59 -5.19 40.07
C ALA H 13 17.81 -4.38 40.53
N GLY H 14 19.01 -4.96 40.49
CA GLY H 14 20.20 -4.37 41.09
C GLY H 14 20.95 -3.41 40.14
N VAL H 15 20.55 -3.28 38.86
CA VAL H 15 21.37 -2.59 37.85
C VAL H 15 21.62 -1.15 38.27
N ARG H 16 22.78 -0.63 37.92
CA ARG H 16 23.19 0.74 38.22
C ARG H 16 24.15 1.14 37.11
N LEU H 17 23.79 2.21 36.38
CA LEU H 17 24.41 2.52 35.11
C LEU H 17 25.07 3.88 35.21
N PRO H 18 26.04 4.23 34.34
CA PRO H 18 26.50 5.61 34.26
C PRO H 18 25.32 6.56 34.03
N ARG H 19 25.43 7.75 34.62
CA ARG H 19 24.32 8.70 34.66
C ARG H 19 23.98 9.09 33.23
N SER H 20 25.01 9.26 32.41
CA SER H 20 24.83 9.73 31.05
C SER H 20 25.12 8.62 30.05
N PRO H 21 24.55 8.72 28.85
CA PRO H 21 24.55 7.60 27.91
C PRO H 21 25.88 7.50 27.19
N PRO H 22 26.22 6.33 26.64
CA PRO H 22 27.55 6.15 26.04
C PRO H 22 27.68 6.88 24.70
N LEU H 23 28.25 8.07 24.74
CA LEU H 23 28.46 8.84 23.54
C LEU H 23 29.42 8.12 22.58
N LYS H 24 29.15 8.14 21.26
CA LYS H 24 30.08 7.57 20.29
C LYS H 24 31.24 8.53 20.09
N VAL H 25 32.46 8.01 20.20
CA VAL H 25 33.65 8.84 19.99
C VAL H 25 34.74 8.04 19.32
N LEU H 26 35.67 8.84 18.76
CA LEU H 26 36.94 8.39 18.27
C LEU H 26 38.02 8.76 19.25
N ALA H 27 39.02 7.88 19.32
CA ALA H 27 40.26 8.08 20.06
C ALA H 27 40.78 9.51 19.94
N GLU H 28 40.94 10.01 18.70
CA GLU H 28 41.52 11.33 18.50
C GLU H 28 40.64 12.38 19.17
N GLN H 29 39.31 12.17 19.19
CA GLN H 29 38.46 13.17 19.79
C GLN H 29 38.76 13.29 21.26
N LEU H 30 38.92 12.15 21.91
CA LEU H 30 39.27 12.16 23.32
C LEU H 30 40.65 12.82 23.47
N ARG H 31 41.63 12.27 22.76
CA ARG H 31 43.01 12.65 22.91
C ARG H 31 43.18 14.17 22.78
N ARG H 32 42.40 14.83 21.92
CA ARG H 32 42.69 16.22 21.56
C ARG H 32 41.61 17.20 22.05
N ASP H 33 40.39 16.76 22.32
CA ASP H 33 39.28 17.68 22.54
C ASP H 33 38.72 17.57 23.96
N ALA H 34 39.06 16.50 24.67
CA ALA H 34 38.60 16.33 26.03
C ALA H 34 39.33 17.32 26.94
N GLU H 35 38.59 17.74 27.96
CA GLU H 35 38.99 18.72 28.95
C GLU H 35 38.40 18.26 30.27
N GLY H 36 38.72 18.99 31.33
CA GLY H 36 38.35 18.57 32.67
C GLY H 36 39.31 17.47 33.12
N GLY H 37 38.81 16.56 33.95
CA GLY H 37 39.70 15.60 34.58
C GLY H 37 38.91 14.42 35.12
N PRO H 38 39.59 13.47 35.80
CA PRO H 38 38.91 12.28 36.33
C PRO H 38 37.55 12.59 36.94
N GLY H 39 36.48 11.92 36.47
CA GLY H 39 35.14 12.08 37.01
C GLY H 39 34.44 13.39 36.61
N ALA H 40 35.06 14.20 35.75
CA ALA H 40 34.44 15.42 35.23
C ALA H 40 34.94 15.68 33.80
N TRP H 41 34.82 14.64 32.97
CA TRP H 41 35.33 14.70 31.61
C TRP H 41 34.31 15.39 30.72
N ARG H 42 34.78 16.31 29.89
CA ARG H 42 33.90 16.95 28.93
C ARG H 42 34.63 17.01 27.58
N LEU H 43 33.89 16.89 26.49
CA LEU H 43 34.44 16.98 25.16
C LEU H 43 34.17 18.36 24.55
N SER H 44 35.25 19.12 24.23
CA SER H 44 35.16 20.42 23.58
C SER H 44 34.60 20.24 22.17
N ARG H 45 33.64 21.11 21.82
CA ARG H 45 33.16 21.26 20.45
C ARG H 45 33.31 22.74 20.07
N ALA H 46 34.43 23.36 20.52
CA ALA H 46 34.72 24.76 20.23
C ALA H 46 34.86 24.92 18.72
N ALA H 47 35.49 23.92 18.07
CA ALA H 47 35.68 23.86 16.63
C ALA H 47 34.36 23.89 15.86
N ALA H 48 33.32 23.19 16.32
CA ALA H 48 32.01 23.25 15.68
C ALA H 48 31.18 24.42 16.24
N GLY H 49 31.78 25.26 17.10
CA GLY H 49 31.08 26.35 17.77
C GLY H 49 29.84 25.91 18.54
N ARG H 50 29.97 24.88 19.39
CA ARG H 50 28.88 24.29 20.17
C ARG H 50 29.36 23.97 21.58
N GLY H 51 28.40 23.68 22.47
CA GLY H 51 28.67 23.48 23.89
C GLY H 51 29.37 22.15 24.19
N PRO H 52 30.14 22.09 25.29
CA PRO H 52 30.74 20.85 25.78
C PRO H 52 29.82 19.65 25.89
N LEU H 53 30.32 18.45 25.55
CA LEU H 53 29.59 17.22 25.83
C LEU H 53 30.15 16.53 27.06
N ASP H 54 29.24 15.81 27.73
CA ASP H 54 29.60 15.02 28.87
C ASP H 54 30.27 13.75 28.38
N LEU H 55 31.37 13.35 29.04
CA LEU H 55 32.24 12.31 28.53
C LEU H 55 32.49 11.27 29.62
N ALA H 56 31.46 10.98 30.41
CA ALA H 56 31.53 9.92 31.38
C ALA H 56 31.58 8.60 30.63
N ALA H 57 30.46 8.29 29.98
CA ALA H 57 30.34 7.01 29.31
C ALA H 57 30.58 7.23 27.84
N VAL H 58 31.23 6.26 27.23
CA VAL H 58 31.44 6.32 25.79
C VAL H 58 31.20 4.96 25.15
N TRP H 59 30.89 5.05 23.88
CA TRP H 59 30.79 3.95 22.94
C TRP H 59 31.92 4.15 21.94
N MET H 60 32.84 3.20 21.91
CA MET H 60 33.98 3.26 21.01
C MET H 60 34.08 1.95 20.23
N GLN H 61 34.73 1.92 19.08
CA GLN H 61 34.87 0.67 18.35
C GLN H 61 36.26 0.61 17.74
N GLY H 62 36.80 -0.61 17.55
CA GLY H 62 38.08 -0.75 16.89
C GLY H 62 38.52 -2.19 16.74
N ARG H 63 39.66 -2.34 16.06
CA ARG H 63 40.35 -3.62 15.99
C ARG H 63 41.19 -3.75 17.23
N VAL H 64 41.15 -4.92 17.83
CA VAL H 64 42.02 -5.25 18.92
C VAL H 64 43.42 -5.41 18.37
N VAL H 65 44.40 -4.66 18.89
CA VAL H 65 45.80 -4.84 18.49
C VAL H 65 46.65 -5.43 19.60
N MET H 66 46.17 -5.37 20.83
CA MET H 66 46.80 -6.08 21.91
C MET H 66 45.73 -6.53 22.89
N ALA H 67 45.90 -7.73 23.43
CA ALA H 67 45.13 -8.22 24.57
C ALA H 67 46.05 -8.77 25.65
N ASP H 68 45.75 -8.46 26.91
CA ASP H 68 46.57 -8.90 28.01
C ASP H 68 45.74 -8.97 29.29
N ARG H 69 45.38 -10.18 29.72
CA ARG H 69 44.53 -10.39 30.89
C ARG H 69 43.24 -9.64 30.61
N GLY H 70 42.96 -8.57 31.38
CA GLY H 70 41.75 -7.78 31.20
C GLY H 70 41.96 -6.40 30.56
N GLU H 71 43.14 -6.15 30.03
CA GLU H 71 43.42 -4.92 29.29
C GLU H 71 43.48 -5.22 27.79
N ALA H 72 43.22 -4.19 27.02
CA ALA H 72 43.36 -4.30 25.57
C ALA H 72 43.80 -2.94 25.03
N ARG H 73 44.48 -2.97 23.88
CA ARG H 73 44.69 -1.76 23.11
C ARG H 73 43.94 -1.99 21.81
N LEU H 74 43.24 -0.96 21.36
CA LEU H 74 42.39 -1.05 20.18
C LEU H 74 42.78 0.05 19.23
N ARG H 75 42.58 -0.21 17.92
CA ARG H 75 42.82 0.81 16.89
C ARG H 75 41.50 1.12 16.20
N ASP H 76 41.07 2.38 16.26
CA ASP H 76 39.95 2.88 15.46
C ASP H 76 40.58 3.68 14.32
N PRO H 77 39.82 4.14 13.33
CA PRO H 77 40.41 4.92 12.24
C PRO H 77 41.20 6.16 12.62
N SER H 78 41.02 6.69 13.83
CA SER H 78 41.68 7.92 14.24
C SER H 78 42.89 7.63 15.12
N GLY H 79 43.04 6.41 15.65
CA GLY H 79 44.12 6.23 16.61
C GLY H 79 43.92 5.09 17.58
N ASP H 80 44.81 4.98 18.56
CA ASP H 80 44.73 3.92 19.54
C ASP H 80 44.05 4.38 20.84
N PHE H 81 43.43 3.42 21.52
CA PHE H 81 42.93 3.61 22.87
C PHE H 81 43.06 2.33 23.68
N SER H 82 43.06 2.48 25.00
CA SER H 82 43.16 1.34 25.86
C SER H 82 41.89 1.11 26.67
N VAL H 83 41.74 -0.12 27.16
CA VAL H 83 40.57 -0.51 27.90
C VAL H 83 41.03 -1.43 29.02
N ARG H 84 40.60 -1.13 30.23
CA ARG H 84 40.93 -1.96 31.37
C ARG H 84 39.62 -2.62 31.85
N GLY H 85 39.81 -3.66 32.66
CA GLY H 85 38.73 -4.23 33.41
C GLY H 85 37.86 -5.19 32.61
N LEU H 86 38.38 -5.78 31.52
CA LEU H 86 37.56 -6.60 30.67
C LEU H 86 37.29 -7.96 31.29
N GLU H 87 38.03 -8.34 32.35
CA GLU H 87 37.77 -9.61 33.02
C GLU H 87 36.40 -9.56 33.72
N ARG H 88 35.78 -8.39 33.84
CA ARG H 88 34.58 -8.24 34.65
C ARG H 88 33.30 -8.04 33.83
N VAL H 89 33.41 -7.91 32.52
CA VAL H 89 32.27 -7.57 31.71
C VAL H 89 31.64 -8.84 31.15
N PRO H 90 30.38 -8.77 30.71
CA PRO H 90 29.72 -9.94 30.13
C PRO H 90 30.47 -10.52 28.94
N ARG H 91 30.52 -11.85 28.93
CA ARG H 91 31.17 -12.66 27.96
C ARG H 91 30.17 -13.12 26.89
N GLY H 92 30.22 -12.45 25.74
CA GLY H 92 29.58 -12.91 24.53
C GLY H 92 30.48 -13.85 23.75
N ARG H 93 30.36 -13.83 22.42
CA ARG H 93 31.33 -14.47 21.55
C ARG H 93 32.71 -13.99 21.95
N PRO H 94 33.69 -14.88 22.17
CA PRO H 94 35.05 -14.48 22.56
C PRO H 94 35.66 -13.66 21.45
N CYS H 95 36.20 -12.49 21.82
CA CYS H 95 36.74 -11.57 20.87
C CYS H 95 37.89 -10.72 21.44
N LEU H 96 38.55 -11.15 22.54
CA LEU H 96 39.66 -10.37 23.09
C LEU H 96 40.98 -11.00 22.63
N VAL H 97 41.17 -10.97 21.31
CA VAL H 97 42.36 -11.49 20.66
C VAL H 97 42.69 -10.52 19.54
N PRO H 98 43.95 -10.39 19.13
CA PRO H 98 44.27 -9.46 18.04
C PRO H 98 43.44 -9.81 16.80
N GLY H 99 42.91 -8.80 16.14
CA GLY H 99 42.30 -9.02 14.85
C GLY H 99 40.79 -8.81 14.90
N LYS H 100 40.19 -8.94 16.07
CA LYS H 100 38.76 -8.82 16.18
C LYS H 100 38.37 -7.36 16.17
N TYR H 101 37.19 -7.12 15.57
CA TYR H 101 36.61 -5.79 15.49
C TYR H 101 35.44 -5.80 16.46
N VAL H 102 35.46 -4.85 17.40
CA VAL H 102 34.61 -4.96 18.58
C VAL H 102 34.09 -3.58 18.96
N MET H 103 32.97 -3.53 19.68
CA MET H 103 32.57 -2.30 20.32
C MET H 103 32.90 -2.39 21.80
N VAL H 104 33.14 -1.22 22.41
CA VAL H 104 33.32 -1.10 23.84
C VAL H 104 32.39 -0.01 24.34
N MET H 105 31.60 -0.33 25.35
CA MET H 105 31.03 0.72 26.19
C MET H 105 31.98 0.83 27.39
N GLY H 106 32.41 2.06 27.66
CA GLY H 106 33.30 2.28 28.78
C GLY H 106 33.15 3.66 29.42
N VAL H 107 33.82 3.78 30.55
CA VAL H 107 33.98 5.06 31.21
C VAL H 107 35.41 5.56 31.00
N VAL H 108 35.52 6.83 30.67
CA VAL H 108 36.80 7.47 30.40
C VAL H 108 37.58 7.70 31.69
N GLN H 109 38.81 7.15 31.76
CA GLN H 109 39.76 7.36 32.84
C GLN H 109 40.84 8.36 32.47
N ALA H 110 41.35 8.28 31.24
CA ALA H 110 42.37 9.21 30.77
C ALA H 110 42.08 9.49 29.29
N CYS H 111 42.55 10.66 28.83
CA CYS H 111 42.49 11.04 27.44
C CYS H 111 43.87 11.23 26.81
N SER H 112 44.91 11.52 27.64
CA SER H 112 46.25 11.76 27.13
C SER H 112 47.29 11.14 28.05
N PRO H 113 48.48 10.72 27.52
CA PRO H 113 48.75 10.67 26.07
C PRO H 113 47.84 9.75 25.27
N GLU H 114 47.28 8.72 25.95
CA GLU H 114 46.50 7.67 25.30
C GLU H 114 45.14 7.49 25.95
N PRO H 115 44.00 7.62 25.24
CA PRO H 115 42.71 7.45 25.87
C PRO H 115 42.58 6.09 26.53
N CYS H 116 42.02 6.08 27.74
CA CYS H 116 41.90 4.85 28.51
C CYS H 116 40.47 4.72 29.07
N LEU H 117 39.84 3.54 28.93
CA LEU H 117 38.48 3.34 29.38
C LEU H 117 38.46 2.29 30.46
N GLN H 118 37.59 2.45 31.46
CA GLN H 118 37.14 1.32 32.28
C GLN H 118 36.00 0.64 31.53
N ALA H 119 36.11 -0.67 31.34
CA ALA H 119 35.18 -1.37 30.48
C ALA H 119 33.87 -1.58 31.18
N VAL H 120 32.77 -1.38 30.44
CA VAL H 120 31.45 -1.78 30.90
C VAL H 120 30.92 -2.94 30.06
N LYS H 121 31.03 -2.85 28.73
CA LYS H 121 30.91 -4.04 27.92
C LYS H 121 31.91 -4.00 26.76
N MET H 122 32.27 -5.20 26.28
CA MET H 122 32.99 -5.33 25.02
C MET H 122 32.37 -6.49 24.27
N THR H 123 31.87 -6.20 23.03
CA THR H 123 31.23 -7.23 22.24
C THR H 123 31.71 -7.27 20.79
N ASP H 124 31.69 -8.49 20.25
CA ASP H 124 32.24 -8.82 18.95
C ASP H 124 31.42 -8.16 17.86
N LEU H 125 32.06 -7.56 16.85
CA LEU H 125 31.34 -7.07 15.68
C LEU H 125 32.00 -7.64 14.42
N SER H 126 32.72 -8.74 14.59
CA SER H 126 33.59 -9.18 13.51
C SER H 126 32.81 -9.89 12.41
N ASP H 127 31.64 -10.45 12.70
CA ASP H 127 30.99 -11.32 11.72
C ASP H 127 30.18 -10.50 10.68
N ASN H 128 30.10 -9.18 10.84
CA ASN H 128 29.69 -8.36 9.71
C ASN H 128 30.61 -7.16 9.51
N PRO H 129 31.54 -7.22 8.53
CA PRO H 129 32.51 -6.16 8.31
C PRO H 129 31.90 -4.78 8.05
N ILE H 130 30.59 -4.70 7.79
CA ILE H 130 30.01 -3.42 7.44
C ILE H 130 29.89 -2.54 8.69
N HIS H 131 29.88 -3.12 9.89
CA HIS H 131 30.02 -2.26 11.06
C HIS H 131 31.27 -1.42 10.95
N GLU H 132 32.41 -2.04 10.68
CA GLU H 132 33.66 -1.28 10.60
C GLU H 132 33.61 -0.19 9.52
N SER H 133 33.00 -0.47 8.36
CA SER H 133 32.87 0.53 7.31
C SER H 133 32.08 1.74 7.77
N MET H 134 31.12 1.54 8.68
CA MET H 134 30.18 2.59 9.04
C MET H 134 30.68 3.45 10.20
N TRP H 135 31.62 2.93 11.01
CA TRP H 135 31.84 3.46 12.34
C TRP H 135 32.20 4.94 12.34
N GLU H 136 33.15 5.34 11.50
CA GLU H 136 33.56 6.72 11.50
C GLU H 136 32.40 7.64 11.11
N LEU H 137 31.62 7.22 10.11
CA LEU H 137 30.43 7.95 9.71
C LEU H 137 29.40 8.01 10.83
N GLU H 138 29.29 6.92 11.62
CA GLU H 138 28.36 6.88 12.73
C GLU H 138 28.73 7.95 13.77
N VAL H 139 30.02 8.02 14.09
CA VAL H 139 30.43 8.99 15.09
C VAL H 139 30.08 10.38 14.60
N GLU H 140 30.38 10.67 13.34
CA GLU H 140 30.20 12.00 12.84
C GLU H 140 28.71 12.32 12.79
N ASP H 141 27.86 11.34 12.45
CA ASP H 141 26.45 11.62 12.22
C ASP H 141 25.82 11.90 13.57
N LEU H 142 26.21 11.11 14.58
CA LEU H 142 25.66 11.26 15.90
C LEU H 142 26.09 12.62 16.42
N HIS H 143 27.38 12.98 16.29
CA HIS H 143 27.81 14.29 16.76
C HIS H 143 26.98 15.41 16.14
N ARG H 144 26.56 15.30 14.88
CA ARG H 144 25.81 16.39 14.26
C ARG H 144 24.41 16.54 14.81
N ASN H 145 23.87 15.49 15.46
CA ASN H 145 22.48 15.48 15.91
C ASN H 145 22.36 15.73 17.42
N ILE H 146 23.46 16.05 18.09
CA ILE H 146 23.42 16.56 19.45
C ILE H 146 23.56 18.07 19.34
N PRO H 147 22.49 18.88 19.50
CA PRO H 147 22.67 20.33 19.46
C PRO H 147 23.49 20.79 20.69
C ACE I 1 9.50 36.09 -17.00
O ACE I 1 9.74 35.52 -18.07
CH3 ACE I 1 10.60 36.39 -16.02
H1 ACE I 1 10.27 37.00 -15.34
H2 ACE I 1 11.33 36.83 -16.51
N TYR I 2 8.30 36.48 -16.63
CA TYR I 2 7.06 36.24 -17.42
C TYR I 2 6.62 37.56 -18.06
N ARG I 3 5.93 37.54 -19.18
CA ARG I 3 5.56 38.78 -19.83
C ARG I 3 4.17 38.59 -20.40
N LEU I 4 3.28 39.54 -20.12
CA LEU I 4 1.92 39.55 -20.63
C LEU I 4 1.81 40.73 -21.54
N TRP I 5 0.82 40.70 -22.45
CA TRP I 5 0.52 41.90 -23.21
C TRP I 5 -0.98 42.20 -23.08
N PHE I 6 -1.31 43.41 -22.63
CA PHE I 6 -2.66 43.92 -22.70
C PHE I 6 -2.58 45.38 -23.06
N PHE I 7 -2.38 45.67 -24.35
CA PHE I 7 -2.23 47.03 -24.82
C PHE I 7 -0.95 47.70 -24.30
N GLN I 8 -0.07 46.94 -23.64
CA GLN I 8 1.20 47.36 -23.13
C GLN I 8 1.80 46.11 -22.49
N THR I 9 3.11 46.12 -22.27
CA THR I 9 3.80 44.93 -21.78
C THR I 9 3.78 44.90 -20.26
N TYR I 10 3.75 43.73 -19.68
CA TYR I 10 3.75 43.58 -18.22
C TYR I 10 4.84 42.60 -17.98
N LYS I 11 5.84 43.06 -17.26
CA LYS I 11 6.95 42.21 -16.89
C LYS I 11 6.72 41.75 -15.45
N LEU I 12 6.79 40.45 -15.22
CA LEU I 12 6.60 39.83 -13.93
C LEU I 12 7.81 38.96 -13.63
N PRO I 13 8.20 38.81 -12.34
CA PRO I 13 9.32 37.96 -11.98
C PRO I 13 9.02 36.48 -12.22
N CYS I 14 9.95 35.80 -12.86
CA CYS I 14 10.00 34.34 -12.87
C CYS I 14 11.24 33.99 -12.10
N NH2 I 15 11.93 35.04 -11.71
HN1 NH2 I 15 12.58 35.38 -12.24
HN2 NH2 I 15 11.76 35.42 -10.89
C ACE J 1 2.23 -19.09 -17.13
O ACE J 1 1.43 -19.69 -16.44
CH3 ACE J 1 2.21 -19.19 -18.65
H1 ACE J 1 2.81 -18.54 -19.04
H2 ACE J 1 1.30 -19.00 -18.96
N TYR J 2 3.28 -18.41 -16.68
CA TYR J 2 3.58 -18.19 -15.25
C TYR J 2 2.90 -16.85 -14.91
N ARG J 3 2.32 -16.71 -13.73
CA ARG J 3 1.77 -15.42 -13.32
C ARG J 3 2.17 -15.23 -11.86
N LEU J 4 2.81 -14.11 -11.57
CA LEU J 4 3.20 -13.74 -10.23
C LEU J 4 2.36 -12.53 -9.86
N TRP J 5 2.26 -12.28 -8.55
CA TRP J 5 1.63 -11.07 -8.10
C TRP J 5 2.53 -10.37 -7.08
N PHE J 6 2.86 -9.10 -7.34
CA PHE J 6 3.47 -8.22 -6.35
C PHE J 6 2.85 -6.85 -6.49
N PHE J 7 1.63 -6.69 -5.93
CA PHE J 7 0.88 -5.45 -6.06
C PHE J 7 0.43 -5.20 -7.48
N GLN J 8 0.63 -6.14 -8.38
CA GLN J 8 0.30 -6.05 -9.79
C GLN J 8 0.66 -7.40 -10.38
N THR J 9 0.09 -7.74 -11.53
CA THR J 9 0.37 -9.04 -12.13
C THR J 9 1.62 -9.00 -13.01
N TYR J 10 2.31 -10.13 -13.07
CA TYR J 10 3.46 -10.30 -13.92
C TYR J 10 3.17 -11.56 -14.71
N LYS J 11 3.07 -11.39 -16.02
CA LYS J 11 2.68 -12.47 -16.91
C LYS J 11 3.94 -12.86 -17.66
N LEU J 12 4.31 -14.14 -17.55
CA LEU J 12 5.54 -14.65 -18.11
C LEU J 12 5.21 -15.86 -18.96
N PRO J 13 5.89 -16.01 -20.11
CA PRO J 13 5.62 -17.13 -21.03
C PRO J 13 5.99 -18.45 -20.40
N CYS J 14 5.14 -19.45 -20.60
CA CYS J 14 5.36 -20.80 -20.13
C CYS J 14 5.09 -21.84 -21.25
N NH2 J 15 5.50 -21.51 -22.47
HN1 NH2 J 15 6.07 -20.80 -22.58
HN2 NH2 J 15 5.23 -21.99 -23.19
C ACE K 1 -18.79 -10.70 10.50
O ACE K 1 -18.34 -11.84 10.42
CH3 ACE K 1 -18.67 -9.84 11.74
H1 ACE K 1 -19.05 -8.95 11.59
H2 ACE K 1 -17.73 -9.73 11.97
N TYR K 2 -19.55 -10.07 9.62
CA TYR K 2 -19.73 -10.66 8.27
C TYR K 2 -19.19 -9.63 7.31
N ARG K 3 -18.46 -10.10 6.28
CA ARG K 3 -17.92 -9.13 5.32
C ARG K 3 -18.25 -9.67 3.92
N LEU K 4 -18.96 -8.83 3.17
CA LEU K 4 -19.37 -9.12 1.81
C LEU K 4 -18.61 -8.19 0.88
N TRP K 5 -18.44 -8.58 -0.38
CA TRP K 5 -17.85 -7.69 -1.35
C TRP K 5 -18.75 -7.54 -2.56
N PHE K 6 -19.14 -6.31 -2.89
CA PHE K 6 -19.77 -6.03 -4.16
C PHE K 6 -19.23 -4.72 -4.68
N PHE K 7 -18.02 -4.76 -5.27
CA PHE K 7 -17.35 -3.55 -5.73
C PHE K 7 -16.96 -2.62 -4.57
N GLN K 8 -17.08 -3.10 -3.34
CA GLN K 8 -17.02 -2.30 -2.10
C GLN K 8 -17.08 -3.30 -0.97
N THR K 9 -16.49 -3.03 0.20
CA THR K 9 -16.73 -3.93 1.32
C THR K 9 -17.99 -3.53 2.08
N TYR K 10 -18.69 -4.53 2.62
CA TYR K 10 -19.89 -4.35 3.40
C TYR K 10 -19.54 -5.10 4.67
N LYS K 11 -19.62 -4.31 5.75
CA LYS K 11 -19.33 -4.81 7.07
C LYS K 11 -20.70 -4.94 7.74
N LEU K 12 -20.99 -6.14 8.24
CA LEU K 12 -22.25 -6.43 8.90
C LEU K 12 -21.92 -7.03 10.26
N PRO K 13 -22.67 -6.62 11.31
CA PRO K 13 -22.46 -7.14 12.65
C PRO K 13 -22.87 -8.60 12.73
N CYS K 14 -22.01 -9.36 13.41
CA CYS K 14 -22.20 -10.77 13.66
C CYS K 14 -22.13 -11.01 15.16
N NH2 K 15 -22.01 -9.89 15.88
HN1 NH2 K 15 -21.34 -9.30 15.68
HN2 NH2 K 15 -22.57 -9.74 16.58
C ACE L 1 28.83 0.92 40.41
O ACE L 1 27.74 1.29 40.73
CH3 ACE L 1 30.09 1.13 41.23
H1 ACE L 1 30.79 0.52 40.92
H2 ACE L 1 29.88 0.87 42.16
N TYR L 2 29.04 0.37 39.26
CA TYR L 2 27.99 0.15 38.23
C TYR L 2 27.63 -1.33 38.26
N ARG L 3 26.39 -1.70 37.96
CA ARG L 3 26.00 -3.09 37.97
C ARG L 3 25.15 -3.35 36.73
N LEU L 4 25.50 -4.41 36.01
CA LEU L 4 24.73 -4.91 34.87
C LEU L 4 24.11 -6.23 35.29
N TRP L 5 23.01 -6.59 34.63
CA TRP L 5 22.52 -7.96 34.75
C TRP L 5 22.40 -8.58 33.35
N PHE L 6 23.02 -9.73 33.13
CA PHE L 6 22.79 -10.55 31.97
C PHE L 6 22.82 -12.00 32.42
N PHE L 7 21.70 -12.47 32.99
CA PHE L 7 21.62 -13.83 33.51
C PHE L 7 22.53 -14.02 34.72
N GLN L 8 23.16 -12.96 35.23
CA GLN L 8 24.07 -12.98 36.36
C GLN L 8 24.51 -11.54 36.56
N THR L 9 25.03 -11.23 37.76
CA THR L 9 25.30 -9.83 38.08
C THR L 9 26.73 -9.47 37.70
N TYR L 10 26.97 -8.24 37.29
CA TYR L 10 28.30 -7.85 36.87
C TYR L 10 28.55 -6.56 37.60
N LYS L 11 29.60 -6.59 38.41
CA LYS L 11 29.95 -5.45 39.24
C LYS L 11 31.16 -4.79 38.58
N LEU L 12 31.05 -3.50 38.33
CA LEU L 12 32.08 -2.73 37.67
C LEU L 12 32.41 -1.51 38.54
N PRO L 13 33.69 -1.12 38.62
CA PRO L 13 34.10 0.04 39.40
C PRO L 13 33.57 1.36 38.84
N CYS L 14 33.06 2.17 39.75
CA CYS L 14 32.68 3.55 39.51
C CYS L 14 33.39 4.42 40.54
N NH2 L 15 33.81 3.77 41.62
HN1 NH2 L 15 34.71 3.62 41.73
HN2 NH2 L 15 33.22 3.50 42.25
#